data_4R5V
#
_entry.id   4R5V
#
_cell.length_a   75.222
_cell.length_b   109.593
_cell.length_c   118.698
_cell.angle_alpha   90.00
_cell.angle_beta   90.00
_cell.angle_gamma   90.00
#
_symmetry.space_group_name_H-M   'P 21 21 21'
#
loop_
_entity.id
_entity.type
_entity.pdbx_description
1 polymer 'M1 family aminopeptidase'
2 non-polymer 'ZINC ION'
3 non-polymer N-{(1R)-2-(hydroxyamino)-2-oxo-1-[4-(1H-pyrazol-1-yl)phenyl]ethyl}-2,2-dimethylpropanamide
4 non-polymer GLYCEROL
5 water water
#
_entity_poly.entity_id   1
_entity_poly.type   'polypeptide(L)'
_entity_poly.pdbx_seq_one_letter_code
;HHHHHHPKIHYRKDYKPSGFIINQVTLNINIHDQETIVRSVLDMDISKHNVGEDLVFDGVGLKINEISINNKKLVEGEEY
TYDNEFLTIFSKFVPKSKFAFSSEVIIHPETNYALTGLYKSKNIIVSQCEATGFRRITFFIDRPDMMAKYDVTVTADKEK
YPVLLSNGDKVNEFEIPGGRHGARFNDPPLKPCYLFAVVAGDLKHLSATYITKYTKKKVELYVFSEEKYVSKLQWALECL
KKSMAFDEDYFGLEYDLSRLNLVAVSDFNVGAMENKGLNIFNANSLLASKKNSIDFSYARILTVVGHEYFHQYTGNRVTL
RDWFQLTLKEGLTVHRENLFSEEMTKTVTTRLSHVDLLRSVQFLEDSSPLSHPIRPESYVSMENFYTTTVYDKGSEVMRM
YLTILGEEYYKKGFDIYIKKNDGNTATCEDFNYAMEQAYKMKKADNSANLNQYLLWFSQSGTPHVSFKYNYDAEKKQYSI
HVNQYTKPDENQKEKKPLFIPISVGLINPENGKEMISQTTLELTKESDTFVFNNIAVKPIPSLFRGFSAPVYIEDQLTDE
ERILLLKYDSDAFVRYNSCTNIYMKQILMNYNEFLKAKNEKLESFQLTPVNAQFIDAIKYLLEDPHADAGFKSYIVSLPQ
DRYIINFVSNLDTDVLADTKEYIYKQIGDKLNDVYYKMFKSLEAKADDLTYFNDESHVDFDQMNMRTLRNTLLSLLSKAQ
YPNILNEIIEHSKSPYPSNWLTSLSVSAYFDKYFELYDKTYKLSKDDELLLQEWLKTVSRSDRKDIYEILKKLENEVLKD
SKNPNDIRAVYLPFTNNLRRFHDISGKGYKLIAEVITKTDKFNPMVATQLCEPFKLWNKLDTKRQELMLNEMNTMLQEPQ
ISNNLKEYLLRLTNK
;
_entity_poly.pdbx_strand_id   A
#
# COMPACT_ATOMS: atom_id res chain seq x y z
N PRO A 7 9.74 8.28 26.34
CA PRO A 7 9.76 7.57 25.06
C PRO A 7 10.28 6.14 25.19
N LYS A 8 9.36 5.19 25.39
CA LYS A 8 9.73 3.80 25.56
C LYS A 8 10.05 3.14 24.22
N ILE A 9 11.09 2.31 24.20
CA ILE A 9 11.50 1.62 22.98
C ILE A 9 11.44 0.11 23.16
N HIS A 10 10.59 -0.55 22.37
CA HIS A 10 10.48 -2.00 22.44
C HIS A 10 11.47 -2.67 21.51
N TYR A 11 12.20 -3.66 22.04
CA TYR A 11 13.22 -4.36 21.25
C TYR A 11 12.81 -5.81 20.96
N ARG A 12 13.07 -6.24 19.73
CA ARG A 12 12.70 -7.57 19.28
C ARG A 12 13.40 -8.67 20.07
N LYS A 13 14.63 -8.40 20.51
CA LYS A 13 15.40 -9.38 21.27
C LYS A 13 14.91 -9.51 22.70
N ASP A 14 13.96 -8.65 23.08
CA ASP A 14 13.45 -8.63 24.45
C ASP A 14 12.11 -9.33 24.62
N TYR A 15 11.71 -10.13 23.63
CA TYR A 15 10.41 -10.80 23.71
C TYR A 15 10.37 -11.78 24.87
N LYS A 16 9.34 -11.62 25.71
CA LYS A 16 9.09 -12.57 26.80
C LYS A 16 7.57 -12.76 26.93
N PRO A 17 7.15 -14.02 27.06
CA PRO A 17 5.72 -14.34 27.21
C PRO A 17 5.11 -13.70 28.45
N SER A 18 3.83 -13.39 28.39
CA SER A 18 3.12 -12.76 29.50
C SER A 18 3.09 -13.65 30.73
N GLY A 19 3.10 -13.03 31.90
CA GLY A 19 2.96 -13.76 33.15
C GLY A 19 1.51 -14.01 33.48
N PHE A 20 0.63 -13.66 32.54
CA PHE A 20 -0.80 -13.82 32.73
C PHE A 20 -1.46 -14.47 31.54
N ILE A 21 -2.69 -14.95 31.73
CA ILE A 21 -3.47 -15.57 30.67
C ILE A 21 -4.89 -15.04 30.68
N ILE A 22 -5.41 -14.70 29.50
CA ILE A 22 -6.80 -14.32 29.36
C ILE A 22 -7.53 -15.38 28.54
N ASN A 23 -8.46 -16.09 29.18
CA ASN A 23 -9.15 -17.19 28.53
C ASN A 23 -10.47 -16.78 27.90
N GLN A 24 -11.23 -15.95 28.60
CA GLN A 24 -12.55 -15.54 28.13
C GLN A 24 -12.76 -14.04 28.26
N VAL A 25 -13.31 -13.44 27.21
CA VAL A 25 -13.70 -12.02 27.25
C VAL A 25 -15.21 -11.91 27.12
N THR A 26 -15.85 -11.22 28.06
CA THR A 26 -17.28 -11.01 28.00
C THR A 26 -17.58 -9.51 27.99
N LEU A 27 -17.99 -9.00 26.82
CA LEU A 27 -18.16 -7.57 26.63
C LEU A 27 -19.62 -7.14 26.61
N ASN A 28 -19.87 -5.99 27.21
CA ASN A 28 -21.15 -5.31 27.10
C ASN A 28 -20.91 -3.87 26.69
N ILE A 29 -21.22 -3.57 25.43
CA ILE A 29 -20.98 -2.24 24.89
C ILE A 29 -22.31 -1.50 24.71
N ASN A 30 -22.55 -0.53 25.59
CA ASN A 30 -23.80 0.23 25.57
C ASN A 30 -23.59 1.62 24.99
N ILE A 31 -24.09 1.81 23.77
CA ILE A 31 -23.90 3.07 23.06
C ILE A 31 -25.03 4.06 23.33
N HIS A 32 -24.66 5.24 23.80
CA HIS A 32 -25.64 6.30 24.04
C HIS A 32 -25.25 7.57 23.27
N ASP A 33 -26.11 8.57 23.33
CA ASP A 33 -25.94 9.78 22.55
C ASP A 33 -24.62 10.50 22.85
N GLN A 34 -24.33 10.69 24.13
CA GLN A 34 -23.15 11.47 24.50
C GLN A 34 -22.05 10.64 25.16
N GLU A 35 -22.26 9.33 25.24
CA GLU A 35 -21.24 8.43 25.80
C GLU A 35 -21.48 6.97 25.46
N THR A 36 -20.42 6.18 25.53
CA THR A 36 -20.53 4.73 25.37
C THR A 36 -19.96 4.02 26.59
N ILE A 37 -20.79 3.18 27.20
CA ILE A 37 -20.41 2.45 28.41
C ILE A 37 -19.93 1.04 28.07
N VAL A 38 -18.70 0.73 28.44
CA VAL A 38 -18.15 -0.59 28.17
C VAL A 38 -17.94 -1.38 29.46
N ARG A 39 -18.75 -2.42 29.65
CA ARG A 39 -18.56 -3.36 30.75
C ARG A 39 -17.79 -4.56 30.26
N SER A 40 -16.73 -4.93 30.97
CA SER A 40 -15.91 -6.05 30.57
C SER A 40 -15.59 -6.99 31.72
N VAL A 41 -15.75 -8.28 31.48
CA VAL A 41 -15.31 -9.31 32.42
C VAL A 41 -14.27 -10.18 31.75
N LEU A 42 -13.08 -10.23 32.34
CA LEU A 42 -12.00 -11.06 31.82
C LEU A 42 -11.74 -12.26 32.73
N ASP A 43 -12.02 -13.46 32.21
CA ASP A 43 -11.72 -14.68 32.95
C ASP A 43 -10.25 -15.00 32.77
N MET A 44 -9.46 -14.74 33.81
CA MET A 44 -8.02 -14.81 33.68
C MET A 44 -7.39 -15.94 34.48
N ASP A 45 -6.10 -16.14 34.25
CA ASP A 45 -5.32 -17.14 34.99
C ASP A 45 -3.88 -16.69 35.08
N ILE A 46 -3.08 -17.46 35.81
CA ILE A 46 -1.66 -17.19 35.99
C ILE A 46 -0.86 -18.12 35.08
N SER A 47 0.09 -17.55 34.34
CA SER A 47 0.88 -18.36 33.41
C SER A 47 2.12 -18.92 34.09
N LYS A 48 2.81 -19.82 33.40
CA LYS A 48 3.99 -20.48 33.97
C LYS A 48 5.19 -19.55 34.02
N HIS A 49 5.11 -18.42 33.32
CA HIS A 49 6.22 -17.47 33.27
C HIS A 49 6.07 -16.40 34.35
N ASN A 50 4.98 -16.49 35.11
CA ASN A 50 4.70 -15.52 36.18
C ASN A 50 5.75 -15.56 37.29
N VAL A 51 6.07 -14.39 37.83
CA VAL A 51 7.04 -14.28 38.91
C VAL A 51 6.53 -13.36 40.02
N GLY A 52 5.22 -13.35 40.19
CA GLY A 52 4.59 -12.54 41.23
C GLY A 52 4.64 -11.06 40.93
N GLU A 53 4.55 -10.71 39.65
CA GLU A 53 4.60 -9.31 39.25
C GLU A 53 3.25 -8.64 39.37
N ASP A 54 3.23 -7.32 39.25
CA ASP A 54 1.98 -6.57 39.23
C ASP A 54 1.18 -6.92 37.98
N LEU A 55 -0.15 -6.91 38.10
CA LEU A 55 -1.02 -7.11 36.95
C LEU A 55 -1.21 -5.79 36.23
N VAL A 56 -0.62 -5.66 35.04
CA VAL A 56 -0.65 -4.42 34.31
C VAL A 56 -1.45 -4.51 33.02
N PHE A 57 -2.55 -3.76 32.96
CA PHE A 57 -3.39 -3.71 31.76
C PHE A 57 -3.09 -2.47 30.92
N ASP A 58 -3.13 -2.63 29.61
CA ASP A 58 -3.14 -1.49 28.70
C ASP A 58 -4.51 -0.82 28.76
N GLY A 59 -4.54 0.50 28.73
CA GLY A 59 -5.80 1.23 28.80
C GLY A 59 -5.59 2.71 28.57
N VAL A 60 -5.91 3.16 27.35
CA VAL A 60 -5.64 4.54 26.97
C VAL A 60 -6.91 5.37 26.87
N GLY A 61 -6.99 6.42 27.69
CA GLY A 61 -8.10 7.36 27.64
C GLY A 61 -9.41 6.82 28.18
N LEU A 62 -9.32 5.84 29.07
CA LEU A 62 -10.51 5.23 29.66
C LEU A 62 -10.95 5.96 30.92
N LYS A 63 -12.23 6.29 30.99
CA LYS A 63 -12.79 6.88 32.21
C LYS A 63 -13.35 5.78 33.10
N ILE A 64 -12.67 5.53 34.22
CA ILE A 64 -13.06 4.44 35.12
C ILE A 64 -14.29 4.77 35.95
N ASN A 65 -15.32 3.93 35.82
CA ASN A 65 -16.44 3.97 36.75
C ASN A 65 -16.15 3.05 37.93
N GLU A 66 -15.56 1.90 37.62
CA GLU A 66 -15.29 0.88 38.62
C GLU A 66 -14.49 -0.29 38.04
N ILE A 67 -13.54 -0.79 38.82
CA ILE A 67 -12.84 -2.03 38.48
C ILE A 67 -12.85 -2.99 39.66
N SER A 68 -12.70 -4.29 39.37
CA SER A 68 -12.83 -5.31 40.40
C SER A 68 -12.03 -6.58 40.11
N ILE A 69 -11.88 -7.39 41.16
CA ILE A 69 -11.33 -8.73 41.04
C ILE A 69 -12.18 -9.68 41.88
N ASN A 70 -12.76 -10.69 41.23
CA ASN A 70 -13.68 -11.62 41.88
C ASN A 70 -14.85 -10.90 42.56
N ASN A 71 -15.46 -9.99 41.83
CA ASN A 71 -16.67 -9.27 42.25
C ASN A 71 -16.48 -8.37 43.47
N LYS A 72 -15.24 -8.01 43.78
CA LYS A 72 -14.96 -7.07 44.86
C LYS A 72 -14.28 -5.83 44.29
N LYS A 73 -14.84 -4.65 44.58
CA LYS A 73 -14.33 -3.40 44.03
C LYS A 73 -12.96 -3.04 44.58
N LEU A 74 -12.07 -2.61 43.68
CA LEU A 74 -10.75 -2.14 44.08
C LEU A 74 -10.76 -0.62 44.26
N VAL A 75 -9.89 -0.14 45.16
CA VAL A 75 -9.76 1.29 45.44
C VAL A 75 -8.49 1.85 44.79
N GLU A 76 -8.55 3.10 44.34
CA GLU A 76 -7.40 3.76 43.73
C GLU A 76 -6.40 4.23 44.79
N GLY A 77 -5.12 4.04 44.53
CA GLY A 77 -4.08 4.47 45.44
C GLY A 77 -3.53 3.33 46.29
N GLU A 78 -4.44 2.55 46.87
CA GLU A 78 -4.06 1.44 47.73
C GLU A 78 -3.91 0.14 46.96
N GLU A 79 -4.88 -0.15 46.10
CA GLU A 79 -4.91 -1.42 45.38
C GLU A 79 -4.51 -1.29 43.92
N TYR A 80 -4.72 -0.11 43.34
CA TYR A 80 -4.34 0.11 41.95
C TYR A 80 -4.06 1.57 41.63
N THR A 81 -3.34 1.80 40.53
CA THR A 81 -3.12 3.13 40.00
C THR A 81 -3.40 3.15 38.50
N TYR A 82 -3.87 4.29 38.00
CA TYR A 82 -4.15 4.45 36.59
C TYR A 82 -3.70 5.82 36.12
N ASP A 83 -2.87 5.85 35.07
CA ASP A 83 -2.31 7.10 34.57
C ASP A 83 -2.76 7.43 33.15
N ASN A 84 -3.92 6.90 32.78
CA ASN A 84 -4.53 7.07 31.45
C ASN A 84 -3.78 6.33 30.34
N GLU A 85 -2.82 5.48 30.73
CA GLU A 85 -2.11 4.65 29.75
C GLU A 85 -1.98 3.22 30.25
N PHE A 86 -1.73 3.06 31.55
CA PHE A 86 -1.58 1.74 32.15
C PHE A 86 -2.37 1.60 33.44
N LEU A 87 -3.03 0.47 33.60
CA LEU A 87 -3.71 0.12 34.85
C LEU A 87 -2.84 -0.86 35.62
N THR A 88 -2.30 -0.41 36.76
CA THR A 88 -1.42 -1.25 37.56
C THR A 88 -2.09 -1.73 38.83
N ILE A 89 -2.35 -3.04 38.90
CA ILE A 89 -2.90 -3.64 40.11
C ILE A 89 -1.78 -4.35 40.86
N PHE A 90 -1.47 -3.84 42.05
CA PHE A 90 -0.33 -4.33 42.83
C PHE A 90 -0.46 -5.82 43.14
N SER A 91 0.66 -6.53 43.01
CA SER A 91 0.66 -7.99 43.01
C SER A 91 0.06 -8.64 44.26
N LYS A 92 0.12 -7.96 45.39
CA LYS A 92 -0.42 -8.51 46.63
C LYS A 92 -1.95 -8.64 46.56
N PHE A 93 -2.56 -7.88 45.64
CA PHE A 93 -4.00 -7.95 45.45
C PHE A 93 -4.36 -8.80 44.24
N VAL A 94 -3.35 -9.39 43.61
CA VAL A 94 -3.56 -10.26 42.47
C VAL A 94 -3.57 -11.72 42.90
N PRO A 95 -4.66 -12.45 42.58
CA PRO A 95 -4.81 -13.87 42.95
C PRO A 95 -3.76 -14.79 42.35
N LYS A 96 -3.66 -16.00 42.88
CA LYS A 96 -2.63 -16.97 42.52
C LYS A 96 -3.10 -17.95 41.46
N SER A 97 -4.41 -18.10 41.35
CA SER A 97 -5.00 -19.01 40.37
C SER A 97 -6.11 -18.31 39.60
N LYS A 98 -6.94 -19.11 38.94
CA LYS A 98 -7.99 -18.59 38.06
C LYS A 98 -8.89 -17.57 38.77
N PHE A 99 -8.99 -16.38 38.18
CA PHE A 99 -9.77 -15.30 38.77
C PHE A 99 -10.45 -14.47 37.69
N ALA A 100 -11.42 -13.65 38.10
CA ALA A 100 -12.19 -12.84 37.15
C ALA A 100 -11.95 -11.35 37.37
N PHE A 101 -11.37 -10.70 36.38
CA PHE A 101 -11.21 -9.24 36.41
C PHE A 101 -12.36 -8.58 35.66
N SER A 102 -12.94 -7.56 36.26
CA SER A 102 -14.05 -6.84 35.62
C SER A 102 -13.87 -5.33 35.73
N SER A 103 -14.48 -4.60 34.80
CA SER A 103 -14.42 -3.14 34.83
C SER A 103 -15.59 -2.52 34.07
N GLU A 104 -15.86 -1.27 34.37
CA GLU A 104 -16.80 -0.47 33.58
C GLU A 104 -16.17 0.88 33.28
N VAL A 105 -15.93 1.13 31.99
CA VAL A 105 -15.35 2.40 31.59
C VAL A 105 -16.30 3.16 30.67
N ILE A 106 -16.05 4.45 30.55
CA ILE A 106 -16.81 5.30 29.65
C ILE A 106 -15.88 5.84 28.57
N ILE A 107 -16.28 5.69 27.32
CA ILE A 107 -15.54 6.23 26.20
C ILE A 107 -16.47 7.08 25.34
N HIS A 108 -15.91 7.82 24.39
CA HIS A 108 -16.71 8.76 23.61
C HIS A 108 -16.39 8.69 22.11
N PRO A 109 -17.00 7.73 21.42
CA PRO A 109 -16.77 7.53 19.98
C PRO A 109 -17.12 8.77 19.15
N GLU A 110 -18.03 9.59 19.64
CA GLU A 110 -18.47 10.80 18.93
C GLU A 110 -17.33 11.80 18.70
N THR A 111 -16.46 11.95 19.70
CA THR A 111 -15.39 12.93 19.60
C THR A 111 -14.03 12.27 19.34
N ASN A 112 -14.06 10.98 19.01
CA ASN A 112 -12.86 10.24 18.67
C ASN A 112 -12.45 10.48 17.22
N TYR A 113 -11.75 11.58 16.98
CA TYR A 113 -11.39 11.98 15.62
C TYR A 113 -10.08 11.36 15.14
N ALA A 114 -9.43 10.59 16.01
CA ALA A 114 -8.19 9.91 15.66
C ALA A 114 -8.47 8.63 14.88
N LEU A 115 -9.74 8.22 14.89
CA LEU A 115 -10.23 7.06 14.15
C LEU A 115 -9.53 5.77 14.55
N THR A 116 -9.24 5.63 15.84
CA THR A 116 -8.66 4.42 16.38
C THR A 116 -9.40 4.01 17.65
N GLY A 117 -9.60 2.70 17.82
CA GLY A 117 -10.46 2.21 18.88
C GLY A 117 -11.91 2.26 18.41
N LEU A 118 -12.82 2.66 19.29
CA LEU A 118 -14.21 2.83 18.90
C LEU A 118 -14.47 4.29 18.53
N TYR A 119 -14.96 4.53 17.32
CA TYR A 119 -15.21 5.89 16.89
C TYR A 119 -16.44 6.00 15.98
N LYS A 120 -16.89 7.23 15.78
CA LYS A 120 -18.06 7.50 14.96
C LYS A 120 -17.64 8.08 13.62
N SER A 121 -18.07 7.43 12.54
CA SER A 121 -17.85 7.93 11.19
C SER A 121 -19.21 8.27 10.57
N LYS A 122 -19.49 9.56 10.45
CA LYS A 122 -20.79 10.05 10.02
C LYS A 122 -21.90 9.51 10.93
N ASN A 123 -22.68 8.56 10.45
CA ASN A 123 -23.74 7.97 11.26
C ASN A 123 -23.51 6.48 11.50
N ILE A 124 -22.24 6.08 11.55
CA ILE A 124 -21.87 4.70 11.82
C ILE A 124 -20.88 4.63 12.97
N ILE A 125 -21.19 3.81 13.98
CA ILE A 125 -20.22 3.50 15.03
C ILE A 125 -19.41 2.29 14.57
N VAL A 126 -18.09 2.45 14.57
CA VAL A 126 -17.22 1.41 14.04
C VAL A 126 -15.92 1.36 14.85
N SER A 127 -15.24 0.22 14.80
CA SER A 127 -14.01 0.05 15.55
C SER A 127 -12.80 -0.18 14.64
N GLN A 128 -11.63 0.19 15.15
CA GLN A 128 -10.36 -0.07 14.49
C GLN A 128 -9.32 -0.37 15.58
N CYS A 129 -9.00 -1.65 15.76
CA CYS A 129 -8.20 -2.05 16.91
C CYS A 129 -6.75 -2.41 16.60
N GLU A 130 -6.42 -2.57 15.32
CA GLU A 130 -5.03 -2.83 14.95
C GLU A 130 -4.27 -1.51 14.85
N ALA A 131 -3.08 -1.43 15.47
CA ALA A 131 -2.48 -2.55 16.16
C ALA A 131 -2.76 -2.52 17.67
N THR A 132 -2.86 -1.33 18.22
CA THR A 132 -3.05 -1.16 19.66
C THR A 132 -4.30 -0.34 19.96
N GLY A 133 -5.37 -0.60 19.24
CA GLY A 133 -6.61 0.14 19.39
C GLY A 133 -7.59 -0.42 20.40
N PHE A 134 -7.44 -1.70 20.74
CA PHE A 134 -8.39 -2.33 21.66
C PHE A 134 -8.26 -1.74 23.07
N ARG A 135 -7.06 -1.31 23.42
CA ARG A 135 -6.81 -0.70 24.73
C ARG A 135 -7.52 0.65 24.87
N ARG A 136 -8.02 1.17 23.75
CA ARG A 136 -8.78 2.43 23.76
C ARG A 136 -10.26 2.17 23.97
N ILE A 137 -10.64 0.89 24.02
CA ILE A 137 -12.03 0.51 24.22
C ILE A 137 -12.24 -0.02 25.64
N THR A 138 -11.36 -0.91 26.08
CA THR A 138 -11.39 -1.41 27.45
C THR A 138 -9.99 -1.90 27.86
N PHE A 139 -9.83 -2.24 29.14
CA PHE A 139 -8.55 -2.72 29.64
C PHE A 139 -8.23 -4.11 29.09
N PHE A 140 -6.96 -4.33 28.77
CA PHE A 140 -6.53 -5.60 28.21
C PHE A 140 -5.00 -5.69 28.17
N ILE A 141 -4.49 -6.91 28.07
CA ILE A 141 -3.07 -7.09 27.80
C ILE A 141 -2.92 -7.07 26.28
N ASP A 142 -2.93 -5.86 25.74
CA ASP A 142 -3.03 -5.58 24.31
C ASP A 142 -1.78 -6.00 23.53
N ARG A 143 -1.63 -7.30 23.32
CA ARG A 143 -0.55 -7.83 22.48
C ARG A 143 -1.09 -9.05 21.71
N PRO A 144 -0.60 -9.25 20.48
CA PRO A 144 -1.21 -10.26 19.59
C PRO A 144 -1.07 -11.70 20.06
N ASP A 145 -0.19 -11.98 21.02
CA ASP A 145 -0.01 -13.36 21.46
C ASP A 145 -0.92 -13.73 22.64
N MET A 146 -1.80 -12.80 23.04
CA MET A 146 -2.78 -13.08 24.08
C MET A 146 -4.12 -13.53 23.48
N MET A 147 -4.22 -14.84 23.22
CA MET A 147 -5.40 -15.41 22.59
C MET A 147 -6.54 -15.66 23.59
N ALA A 148 -7.75 -15.26 23.23
CA ALA A 148 -8.90 -15.43 24.11
C ALA A 148 -10.21 -15.69 23.36
N LYS A 149 -11.21 -16.17 24.08
CA LYS A 149 -12.55 -16.36 23.53
C LYS A 149 -13.37 -15.10 23.78
N TYR A 150 -14.32 -14.82 22.89
CA TYR A 150 -15.06 -13.56 22.95
C TYR A 150 -16.58 -13.73 22.92
N ASP A 151 -17.23 -13.10 23.89
CA ASP A 151 -18.69 -13.05 23.99
C ASP A 151 -19.08 -11.57 24.10
N VAL A 152 -19.66 -11.03 23.03
CA VAL A 152 -19.88 -9.58 22.97
C VAL A 152 -21.35 -9.20 22.80
N THR A 153 -21.82 -8.33 23.69
CA THR A 153 -23.17 -7.79 23.60
C THR A 153 -23.12 -6.30 23.29
N VAL A 154 -23.89 -5.88 22.29
CA VAL A 154 -23.93 -4.47 21.89
C VAL A 154 -25.34 -3.93 21.98
N THR A 155 -25.51 -2.77 22.61
CA THR A 155 -26.83 -2.15 22.68
C THR A 155 -26.80 -0.69 22.22
N ALA A 156 -27.88 -0.26 21.56
CA ALA A 156 -27.98 1.10 21.03
C ALA A 156 -29.42 1.46 20.67
N ASP A 157 -29.64 2.72 20.33
CA ASP A 157 -30.96 3.19 19.90
C ASP A 157 -31.31 2.57 18.55
N LYS A 158 -32.52 2.00 18.45
CA LYS A 158 -32.85 1.23 17.26
C LYS A 158 -33.02 2.10 16.02
N GLU A 159 -33.57 3.30 16.19
CA GLU A 159 -33.73 4.23 15.07
C GLU A 159 -32.38 4.57 14.45
N LYS A 160 -31.41 4.91 15.30
CA LYS A 160 -30.09 5.32 14.84
C LYS A 160 -29.19 4.14 14.43
N TYR A 161 -29.26 3.05 15.18
CA TYR A 161 -28.39 1.90 14.90
C TYR A 161 -29.16 0.58 14.85
N PRO A 162 -29.95 0.37 13.79
CA PRO A 162 -30.73 -0.87 13.65
C PRO A 162 -29.87 -2.09 13.30
N VAL A 163 -28.73 -1.86 12.66
CA VAL A 163 -27.84 -2.95 12.30
C VAL A 163 -26.63 -3.01 13.25
N LEU A 164 -26.53 -4.10 13.99
CA LEU A 164 -25.42 -4.32 14.91
C LEU A 164 -24.59 -5.51 14.47
N LEU A 165 -23.28 -5.33 14.37
CA LEU A 165 -22.39 -6.41 13.96
C LEU A 165 -21.16 -6.55 14.85
N SER A 166 -20.72 -7.79 15.05
CA SER A 166 -19.46 -8.09 15.71
C SER A 166 -18.99 -9.46 15.25
N ASN A 167 -17.86 -9.93 15.77
CA ASN A 167 -17.30 -11.22 15.35
C ASN A 167 -18.18 -12.40 15.74
N GLY A 168 -18.06 -13.49 15.00
CA GLY A 168 -18.74 -14.73 15.34
C GLY A 168 -20.19 -14.79 14.89
N ASP A 169 -20.99 -15.54 15.66
CA ASP A 169 -22.41 -15.70 15.35
C ASP A 169 -23.27 -14.79 16.22
N LYS A 170 -24.31 -14.22 15.63
CA LYS A 170 -25.31 -13.49 16.39
C LYS A 170 -26.25 -14.51 17.03
N VAL A 171 -26.21 -14.63 18.36
CA VAL A 171 -26.94 -15.68 19.05
C VAL A 171 -28.22 -15.18 19.73
N ASN A 172 -28.35 -13.87 19.92
CA ASN A 172 -29.54 -13.31 20.54
C ASN A 172 -29.82 -11.87 20.13
N GLU A 173 -31.08 -11.58 19.85
CA GLU A 173 -31.55 -10.22 19.58
C GLU A 173 -32.69 -9.90 20.52
N PHE A 174 -32.66 -8.72 21.15
CA PHE A 174 -33.67 -8.38 22.14
C PHE A 174 -33.97 -6.88 22.21
N GLU A 175 -35.19 -6.56 22.61
CA GLU A 175 -35.62 -5.18 22.78
C GLU A 175 -35.25 -4.65 24.16
N ILE A 176 -35.09 -3.34 24.25
CA ILE A 176 -34.76 -2.68 25.52
C ILE A 176 -35.66 -1.47 25.72
N PRO A 177 -36.21 -1.30 26.94
CA PRO A 177 -37.04 -0.14 27.26
C PRO A 177 -36.36 1.19 26.91
N GLY A 178 -37.11 2.10 26.30
CA GLY A 178 -36.58 3.40 25.94
C GLY A 178 -36.17 3.50 24.47
N GLY A 179 -36.75 2.63 23.64
CA GLY A 179 -36.47 2.64 22.22
C GLY A 179 -35.12 2.05 21.84
N ARG A 180 -34.56 1.22 22.72
CA ARG A 180 -33.25 0.64 22.50
C ARG A 180 -33.30 -0.87 22.21
N HIS A 181 -32.14 -1.43 21.90
CA HIS A 181 -32.04 -2.85 21.57
C HIS A 181 -30.64 -3.39 21.75
N GLY A 182 -30.53 -4.72 21.74
CA GLY A 182 -29.25 -5.38 21.86
C GLY A 182 -29.10 -6.59 20.95
N ALA A 183 -27.85 -6.90 20.63
CA ALA A 183 -27.50 -8.12 19.94
C ALA A 183 -26.30 -8.74 20.64
N ARG A 184 -26.32 -10.06 20.80
CA ARG A 184 -25.23 -10.77 21.44
C ARG A 184 -24.50 -11.63 20.42
N PHE A 185 -23.18 -11.51 20.39
CA PHE A 185 -22.36 -12.26 19.46
C PHE A 185 -21.39 -13.18 20.20
N ASN A 186 -21.42 -14.46 19.86
CA ASN A 186 -20.48 -15.41 20.43
C ASN A 186 -19.49 -15.89 19.38
N ASP A 187 -18.21 -15.79 19.71
CA ASP A 187 -17.14 -16.18 18.79
C ASP A 187 -16.16 -17.10 19.52
N PRO A 188 -16.50 -18.40 19.58
CA PRO A 188 -15.74 -19.42 20.32
C PRO A 188 -14.24 -19.58 19.96
N PRO A 189 -13.85 -19.50 18.66
CA PRO A 189 -12.42 -19.73 18.42
C PRO A 189 -11.53 -18.65 19.00
N LEU A 190 -10.35 -19.05 19.49
CA LEU A 190 -9.38 -18.11 20.05
C LEU A 190 -8.93 -17.09 19.01
N LYS A 191 -8.76 -15.84 19.45
CA LYS A 191 -8.25 -14.78 18.59
C LYS A 191 -7.59 -13.69 19.42
N PRO A 192 -6.62 -12.97 18.83
CA PRO A 192 -5.99 -11.81 19.46
C PRO A 192 -6.93 -10.61 19.45
N CYS A 193 -6.73 -9.65 20.36
CA CYS A 193 -7.70 -8.58 20.54
C CYS A 193 -7.74 -7.58 19.38
N TYR A 194 -6.68 -7.52 18.57
CA TYR A 194 -6.68 -6.57 17.46
C TYR A 194 -7.65 -7.02 16.36
N LEU A 195 -8.07 -8.28 16.43
CA LEU A 195 -9.04 -8.82 15.47
C LEU A 195 -10.47 -8.63 15.95
N PHE A 196 -10.66 -8.02 17.12
CA PHE A 196 -11.99 -7.68 17.59
C PHE A 196 -12.55 -6.54 16.75
N ALA A 197 -13.84 -6.62 16.44
CA ALA A 197 -14.49 -5.53 15.73
C ALA A 197 -15.97 -5.43 16.09
N VAL A 198 -16.51 -4.23 15.96
CA VAL A 198 -17.92 -4.00 16.21
C VAL A 198 -18.40 -2.89 15.28
N VAL A 199 -19.60 -3.05 14.74
CA VAL A 199 -20.19 -2.04 13.86
C VAL A 199 -21.64 -1.81 14.25
N ALA A 200 -22.03 -0.54 14.34
CA ALA A 200 -23.41 -0.17 14.56
C ALA A 200 -23.78 0.95 13.59
N GLY A 201 -24.95 0.83 12.96
CA GLY A 201 -25.38 1.87 12.04
C GLY A 201 -26.65 1.53 11.28
N ASP A 202 -27.16 2.52 10.55
CA ASP A 202 -28.29 2.32 9.67
C ASP A 202 -27.78 1.85 8.32
N LEU A 203 -27.38 0.58 8.27
CA LEU A 203 -26.69 0.01 7.12
C LEU A 203 -27.62 -0.71 6.16
N LYS A 204 -27.44 -0.46 4.86
CA LYS A 204 -28.14 -1.21 3.83
C LYS A 204 -27.13 -2.17 3.18
N HIS A 205 -27.62 -3.19 2.50
CA HIS A 205 -26.72 -4.22 2.01
C HIS A 205 -27.11 -4.86 0.68
N LEU A 206 -26.11 -5.48 0.05
CA LEU A 206 -26.33 -6.45 -1.00
C LEU A 206 -25.82 -7.79 -0.48
N SER A 207 -26.50 -8.87 -0.83
CA SER A 207 -26.11 -10.18 -0.32
C SER A 207 -26.02 -11.23 -1.43
N ALA A 208 -25.43 -12.37 -1.10
CA ALA A 208 -25.32 -13.50 -2.01
C ALA A 208 -24.91 -14.74 -1.24
N THR A 209 -25.14 -15.91 -1.84
CA THR A 209 -24.71 -17.15 -1.24
C THR A 209 -23.64 -17.81 -2.09
N TYR A 210 -22.51 -18.14 -1.47
CA TYR A 210 -21.41 -18.82 -2.15
C TYR A 210 -21.35 -20.26 -1.67
N ILE A 211 -21.26 -21.19 -2.61
CA ILE A 211 -21.11 -22.60 -2.25
C ILE A 211 -19.67 -23.03 -2.52
N THR A 212 -18.99 -23.49 -1.48
CA THR A 212 -17.57 -23.78 -1.56
C THR A 212 -17.28 -24.97 -2.47
N LYS A 213 -16.05 -25.05 -2.95
CA LYS A 213 -15.66 -26.02 -3.96
C LYS A 213 -15.70 -27.46 -3.46
N TYR A 214 -15.14 -27.70 -2.27
CA TYR A 214 -14.93 -29.06 -1.80
C TYR A 214 -16.01 -29.54 -0.82
N THR A 215 -16.23 -28.81 0.27
CA THR A 215 -17.19 -29.24 1.29
C THR A 215 -18.62 -28.86 0.97
N LYS A 216 -18.79 -28.13 -0.15
CA LYS A 216 -20.09 -27.65 -0.63
C LYS A 216 -20.82 -26.80 0.40
N LYS A 217 -20.06 -26.24 1.33
CA LYS A 217 -20.58 -25.36 2.37
C LYS A 217 -21.19 -24.09 1.79
N LYS A 218 -22.39 -23.74 2.25
CA LYS A 218 -23.00 -22.48 1.83
C LYS A 218 -22.54 -21.33 2.71
N VAL A 219 -22.01 -20.29 2.09
CA VAL A 219 -21.50 -19.13 2.81
C VAL A 219 -22.26 -17.86 2.44
N GLU A 220 -22.83 -17.21 3.44
CA GLU A 220 -23.54 -15.96 3.21
C GLU A 220 -22.57 -14.80 3.06
N LEU A 221 -22.71 -14.05 1.97
CA LEU A 221 -21.87 -12.91 1.69
C LEU A 221 -22.67 -11.61 1.81
N TYR A 222 -22.20 -10.69 2.65
CA TYR A 222 -22.87 -9.41 2.83
C TYR A 222 -21.92 -8.25 2.61
N VAL A 223 -22.37 -7.24 1.87
CA VAL A 223 -21.63 -6.00 1.73
C VAL A 223 -22.51 -4.83 2.19
N PHE A 224 -21.97 -4.02 3.11
CA PHE A 224 -22.74 -2.97 3.76
C PHE A 224 -22.26 -1.56 3.43
N SER A 225 -23.19 -0.61 3.44
CA SER A 225 -22.86 0.81 3.35
C SER A 225 -24.04 1.63 3.85
N GLU A 226 -23.85 2.95 3.94
CA GLU A 226 -24.98 3.83 4.24
C GLU A 226 -25.96 3.78 3.07
N GLU A 227 -27.23 4.05 3.35
CA GLU A 227 -28.30 3.90 2.36
C GLU A 227 -28.04 4.67 1.06
N LYS A 228 -27.45 5.85 1.18
CA LYS A 228 -27.21 6.73 0.04
C LYS A 228 -26.37 6.08 -1.06
N TYR A 229 -25.46 5.20 -0.68
CA TYR A 229 -24.51 4.63 -1.64
C TYR A 229 -24.63 3.13 -1.82
N VAL A 230 -25.81 2.59 -1.51
CA VAL A 230 -26.03 1.14 -1.58
C VAL A 230 -25.88 0.62 -3.02
N SER A 231 -26.08 1.50 -3.98
CA SER A 231 -25.98 1.14 -5.40
C SER A 231 -24.53 1.02 -5.88
N LYS A 232 -23.58 1.21 -4.98
CA LYS A 232 -22.17 1.15 -5.35
C LYS A 232 -21.50 -0.09 -4.76
N LEU A 233 -22.30 -1.05 -4.32
CA LEU A 233 -21.81 -2.22 -3.60
C LEU A 233 -21.56 -3.45 -4.48
N GLN A 234 -22.01 -3.41 -5.74
CA GLN A 234 -22.01 -4.58 -6.61
CA GLN A 234 -22.01 -4.61 -6.55
C GLN A 234 -20.62 -5.12 -6.92
N TRP A 235 -19.69 -4.23 -7.28
CA TRP A 235 -18.36 -4.65 -7.67
C TRP A 235 -17.64 -5.33 -6.52
N ALA A 236 -17.82 -4.79 -5.31
CA ALA A 236 -17.25 -5.36 -4.10
C ALA A 236 -17.69 -6.80 -3.90
N LEU A 237 -18.98 -7.05 -4.08
CA LEU A 237 -19.53 -8.39 -3.95
C LEU A 237 -18.93 -9.35 -4.97
N GLU A 238 -18.79 -8.87 -6.21
CA GLU A 238 -18.18 -9.69 -7.27
C GLU A 238 -16.72 -10.00 -6.95
N CYS A 239 -16.01 -9.01 -6.44
CA CYS A 239 -14.59 -9.20 -6.08
C CYS A 239 -14.44 -10.20 -4.94
N LEU A 240 -15.38 -10.21 -4.02
CA LEU A 240 -15.35 -11.16 -2.92
C LEU A 240 -15.50 -12.58 -3.45
N LYS A 241 -16.46 -12.77 -4.35
CA LYS A 241 -16.68 -14.06 -5.00
C LYS A 241 -15.42 -14.53 -5.73
N LYS A 242 -14.79 -13.60 -6.45
CA LYS A 242 -13.54 -13.87 -7.15
C LYS A 242 -12.43 -14.30 -6.20
N SER A 243 -12.35 -13.64 -5.05
CA SER A 243 -11.32 -13.93 -4.06
C SER A 243 -11.46 -15.33 -3.50
N MET A 244 -12.70 -15.73 -3.24
CA MET A 244 -12.98 -17.05 -2.69
C MET A 244 -12.66 -18.14 -3.70
N ALA A 245 -13.04 -17.90 -4.95
CA ALA A 245 -12.78 -18.85 -6.03
C ALA A 245 -11.28 -19.01 -6.27
N PHE A 246 -10.53 -17.91 -6.14
CA PHE A 246 -9.10 -17.94 -6.42
C PHE A 246 -8.34 -18.73 -5.36
N ASP A 247 -8.67 -18.54 -4.09
CA ASP A 247 -8.01 -19.25 -3.01
C ASP A 247 -8.35 -20.74 -3.09
N GLU A 248 -9.47 -21.07 -3.71
CA GLU A 248 -9.89 -22.45 -3.89
C GLU A 248 -9.18 -23.11 -5.06
N ASP A 249 -8.91 -22.34 -6.11
CA ASP A 249 -8.34 -22.91 -7.33
C ASP A 249 -6.81 -22.91 -7.30
N TYR A 250 -6.21 -21.85 -6.77
CA TYR A 250 -4.76 -21.74 -6.73
C TYR A 250 -4.19 -22.42 -5.49
N PHE A 251 -4.74 -22.10 -4.31
CA PHE A 251 -4.20 -22.62 -3.06
C PHE A 251 -4.99 -23.82 -2.53
N GLY A 252 -6.20 -24.00 -3.02
CA GLY A 252 -7.04 -25.11 -2.59
C GLY A 252 -7.60 -24.93 -1.19
N LEU A 253 -7.87 -23.67 -0.82
CA LEU A 253 -8.41 -23.36 0.50
C LEU A 253 -9.83 -22.83 0.40
N GLU A 254 -10.70 -23.28 1.30
CA GLU A 254 -12.04 -22.73 1.37
C GLU A 254 -12.23 -21.90 2.63
N TYR A 255 -13.19 -20.97 2.56
CA TYR A 255 -13.54 -20.14 3.70
C TYR A 255 -14.02 -21.01 4.86
N ASP A 256 -13.60 -20.68 6.07
CA ASP A 256 -13.85 -21.54 7.24
C ASP A 256 -15.19 -21.26 7.92
N LEU A 257 -15.70 -20.04 7.78
CA LEU A 257 -16.92 -19.65 8.48
C LEU A 257 -18.14 -19.72 7.56
N SER A 258 -19.32 -19.42 8.11
CA SER A 258 -20.56 -19.53 7.36
C SER A 258 -21.05 -18.18 6.85
N ARG A 259 -20.40 -17.11 7.27
CA ARG A 259 -20.79 -15.77 6.82
C ARG A 259 -19.60 -14.82 6.77
N LEU A 260 -19.64 -13.90 5.81
CA LEU A 260 -18.60 -12.90 5.65
C LEU A 260 -19.23 -11.52 5.42
N ASN A 261 -18.86 -10.56 6.25
CA ASN A 261 -19.39 -9.20 6.13
C ASN A 261 -18.32 -8.20 5.70
N LEU A 262 -18.65 -7.39 4.71
CA LEU A 262 -17.80 -6.25 4.34
C LEU A 262 -18.57 -4.95 4.61
N VAL A 263 -17.93 -4.02 5.31
CA VAL A 263 -18.59 -2.76 5.66
C VAL A 263 -17.78 -1.54 5.23
N ALA A 264 -18.43 -0.62 4.52
CA ALA A 264 -17.78 0.62 4.10
C ALA A 264 -18.05 1.75 5.08
N VAL A 265 -17.00 2.48 5.44
CA VAL A 265 -17.15 3.68 6.25
C VAL A 265 -16.41 4.85 5.60
N SER A 266 -16.91 6.05 5.82
CA SER A 266 -16.37 7.25 5.17
C SER A 266 -15.05 7.70 5.80
N ASP A 267 -14.94 7.54 7.11
CA ASP A 267 -13.75 7.98 7.84
C ASP A 267 -12.89 6.77 8.22
N PHE A 268 -11.77 6.61 7.53
CA PHE A 268 -10.87 5.48 7.76
C PHE A 268 -9.44 5.88 7.48
N ASN A 269 -8.52 5.51 8.38
CA ASN A 269 -7.13 5.93 8.28
C ASN A 269 -6.36 5.26 7.14
N VAL A 270 -6.71 4.01 6.85
CA VAL A 270 -6.02 3.25 5.82
C VAL A 270 -7.00 2.68 4.80
N GLY A 271 -6.61 1.62 4.09
CA GLY A 271 -7.45 1.05 3.06
C GLY A 271 -8.58 0.19 3.60
N ALA A 272 -8.24 -0.81 4.41
CA ALA A 272 -9.24 -1.68 5.01
C ALA A 272 -8.67 -2.48 6.15
N MET A 273 -9.53 -3.21 6.84
CA MET A 273 -9.11 -4.01 7.96
C MET A 273 -9.75 -5.38 7.99
N GLU A 274 -8.94 -6.39 8.25
CA GLU A 274 -9.45 -7.75 8.40
C GLU A 274 -9.78 -8.00 9.87
N ASN A 275 -11.02 -8.43 10.11
CA ASN A 275 -11.44 -8.94 11.41
C ASN A 275 -12.28 -10.17 11.13
N LYS A 276 -12.01 -11.26 11.87
CA LYS A 276 -12.63 -12.56 11.63
C LYS A 276 -14.10 -12.51 11.23
N GLY A 277 -14.35 -12.52 9.91
CA GLY A 277 -15.70 -12.55 9.38
C GLY A 277 -16.32 -11.19 9.17
N LEU A 278 -15.70 -10.15 9.74
CA LEU A 278 -16.22 -8.80 9.66
C LEU A 278 -15.14 -7.83 9.17
N ASN A 279 -15.09 -7.63 7.86
CA ASN A 279 -14.07 -6.77 7.27
C ASN A 279 -14.57 -5.34 7.09
N ILE A 280 -13.80 -4.37 7.57
CA ILE A 280 -14.19 -2.96 7.53
C ILE A 280 -13.29 -2.18 6.58
N PHE A 281 -13.91 -1.43 5.68
CA PHE A 281 -13.21 -0.77 4.56
C PHE A 281 -13.35 0.75 4.54
N ASN A 282 -12.28 1.42 4.12
CA ASN A 282 -12.39 2.79 3.63
C ASN A 282 -13.37 2.76 2.47
N ALA A 283 -14.37 3.64 2.50
CA ALA A 283 -15.38 3.67 1.44
C ALA A 283 -14.75 3.76 0.05
N ASN A 284 -13.61 4.42 -0.07
CA ASN A 284 -12.98 4.57 -1.39
C ASN A 284 -12.31 3.29 -1.88
N SER A 285 -12.29 2.27 -1.02
CA SER A 285 -11.70 0.98 -1.39
C SER A 285 -12.73 -0.13 -1.41
N LEU A 286 -14.02 0.24 -1.41
CA LEU A 286 -15.10 -0.75 -1.46
C LEU A 286 -16.21 -0.34 -2.41
N LEU A 287 -16.50 0.96 -2.48
CA LEU A 287 -17.63 1.45 -3.27
C LEU A 287 -17.23 2.00 -4.63
N ALA A 288 -18.00 1.65 -5.66
CA ALA A 288 -17.79 2.19 -6.99
C ALA A 288 -19.04 2.05 -7.87
N SER A 289 -19.18 2.99 -8.79
CA SER A 289 -20.13 2.87 -9.89
C SER A 289 -19.47 3.54 -11.09
N LYS A 290 -19.83 3.10 -12.29
CA LYS A 290 -19.15 3.59 -13.49
C LYS A 290 -19.46 5.06 -13.75
N LYS A 291 -20.59 5.52 -13.23
CA LYS A 291 -21.00 6.91 -13.37
C LYS A 291 -20.32 7.80 -12.33
N ASN A 292 -19.97 7.24 -11.18
CA ASN A 292 -19.45 8.03 -10.07
C ASN A 292 -18.03 7.68 -9.62
N SER A 293 -17.31 6.89 -10.43
CA SER A 293 -15.95 6.49 -10.06
C SER A 293 -15.01 6.54 -11.25
N ILE A 294 -13.74 6.86 -10.97
CA ILE A 294 -12.72 6.76 -12.00
C ILE A 294 -12.30 5.31 -12.11
N ASP A 295 -11.62 4.97 -13.21
CA ASP A 295 -11.27 3.58 -13.51
C ASP A 295 -10.43 2.92 -12.43
N PHE A 296 -9.57 3.70 -11.79
CA PHE A 296 -8.63 3.17 -10.80
C PHE A 296 -9.32 2.50 -9.61
N SER A 297 -10.54 2.94 -9.31
CA SER A 297 -11.32 2.37 -8.20
C SER A 297 -11.55 0.87 -8.37
N TYR A 298 -11.65 0.42 -9.60
CA TYR A 298 -12.01 -0.96 -9.86
C TYR A 298 -10.86 -1.93 -9.56
N ALA A 299 -9.64 -1.55 -9.93
CA ALA A 299 -8.48 -2.35 -9.54
C ALA A 299 -8.22 -2.20 -8.04
N ARG A 300 -8.53 -1.02 -7.50
CA ARG A 300 -8.33 -0.75 -6.09
C ARG A 300 -9.23 -1.63 -5.22
N ILE A 301 -10.51 -1.69 -5.55
CA ILE A 301 -11.46 -2.50 -4.78
C ILE A 301 -11.12 -3.98 -4.88
N LEU A 302 -10.76 -4.42 -6.08
CA LEU A 302 -10.35 -5.81 -6.30
C LEU A 302 -9.19 -6.21 -5.39
N THR A 303 -8.13 -5.40 -5.35
CA THR A 303 -6.96 -5.73 -4.54
C THR A 303 -7.25 -5.66 -3.04
N VAL A 304 -8.01 -4.66 -2.61
CA VAL A 304 -8.24 -4.47 -1.19
C VAL A 304 -9.20 -5.52 -0.64
N VAL A 305 -10.26 -5.83 -1.38
CA VAL A 305 -11.17 -6.91 -0.99
C VAL A 305 -10.43 -8.25 -0.98
N GLY A 306 -9.62 -8.47 -2.00
CA GLY A 306 -8.80 -9.67 -2.08
C GLY A 306 -7.86 -9.75 -0.90
N HIS A 307 -7.15 -8.65 -0.64
CA HIS A 307 -6.19 -8.58 0.46
C HIS A 307 -6.81 -9.01 1.79
N GLU A 308 -7.93 -8.42 2.15
CA GLU A 308 -8.56 -8.73 3.43
C GLU A 308 -9.09 -10.17 3.45
N TYR A 309 -9.51 -10.68 2.30
CA TYR A 309 -9.99 -12.06 2.26
C TYR A 309 -8.86 -13.06 2.50
N PHE A 310 -7.70 -12.81 1.89
CA PHE A 310 -6.59 -13.75 1.98
C PHE A 310 -5.94 -13.75 3.35
N HIS A 311 -6.29 -12.76 4.17
CA HIS A 311 -5.88 -12.73 5.56
C HIS A 311 -6.53 -13.85 6.37
N GLN A 312 -7.72 -14.28 5.93
CA GLN A 312 -8.54 -15.20 6.71
C GLN A 312 -7.87 -16.53 7.04
N TYR A 313 -7.59 -17.31 6.00
CA TYR A 313 -7.13 -18.68 6.16
C TYR A 313 -5.93 -18.78 7.09
N THR A 314 -4.88 -18.05 6.77
CA THR A 314 -3.66 -18.06 7.57
C THR A 314 -3.94 -17.48 8.97
N GLY A 315 -4.77 -16.45 9.03
CA GLY A 315 -5.11 -15.82 10.29
C GLY A 315 -5.88 -16.72 11.23
N ASN A 316 -6.58 -17.71 10.67
CA ASN A 316 -7.36 -18.65 11.46
C ASN A 316 -6.51 -19.76 12.07
N ARG A 317 -5.26 -19.86 11.65
CA ARG A 317 -4.41 -20.97 12.06
C ARG A 317 -3.09 -20.53 12.68
N VAL A 318 -2.60 -19.35 12.31
CA VAL A 318 -1.35 -18.86 12.87
C VAL A 318 -1.37 -17.35 13.09
N THR A 319 -1.13 -16.96 14.35
CA THR A 319 -1.07 -15.56 14.75
C THR A 319 0.38 -15.14 14.94
N LEU A 320 0.68 -13.87 14.72
CA LEU A 320 2.01 -13.34 14.99
C LEU A 320 2.36 -13.47 16.47
N ARG A 321 3.62 -13.79 16.76
CA ARG A 321 4.10 -13.87 18.13
C ARG A 321 4.17 -12.47 18.73
N ASP A 322 4.56 -11.51 17.89
CA ASP A 322 4.70 -10.12 18.29
C ASP A 322 4.67 -9.26 17.04
N TRP A 323 4.66 -7.94 17.21
CA TRP A 323 4.46 -7.04 16.08
C TRP A 323 5.68 -6.95 15.16
N PHE A 324 6.82 -7.43 15.62
CA PHE A 324 8.03 -7.44 14.80
C PHE A 324 7.89 -8.42 13.64
N GLN A 325 6.96 -9.36 13.76
CA GLN A 325 6.73 -10.34 12.71
C GLN A 325 5.64 -9.87 11.73
N LEU A 326 5.34 -8.57 11.76
CA LEU A 326 4.26 -8.01 10.95
C LEU A 326 4.36 -8.37 9.45
N THR A 327 5.58 -8.37 8.92
CA THR A 327 5.76 -8.63 7.50
C THR A 327 5.38 -10.06 7.14
N LEU A 328 5.44 -10.97 8.11
CA LEU A 328 5.07 -12.35 7.88
C LEU A 328 3.61 -12.48 7.46
N LYS A 329 2.73 -11.69 8.06
CA LYS A 329 1.32 -11.75 7.69
C LYS A 329 1.01 -10.74 6.58
N GLU A 330 1.67 -9.59 6.58
CA GLU A 330 1.37 -8.57 5.59
C GLU A 330 2.09 -8.81 4.26
N GLY A 331 3.37 -9.17 4.33
CA GLY A 331 4.12 -9.47 3.12
C GLY A 331 3.52 -10.65 2.37
N LEU A 332 3.14 -11.68 3.10
CA LEU A 332 2.56 -12.88 2.51
C LEU A 332 1.18 -12.61 1.90
N THR A 333 0.42 -11.74 2.56
CA THR A 333 -0.94 -11.42 2.09
C THR A 333 -0.90 -10.53 0.86
N VAL A 334 0.00 -9.54 0.85
CA VAL A 334 0.17 -8.68 -0.31
C VAL A 334 0.63 -9.53 -1.52
N HIS A 335 1.50 -10.50 -1.25
CA HIS A 335 1.95 -11.42 -2.30
C HIS A 335 0.80 -12.24 -2.87
N ARG A 336 -0.07 -12.75 -2.00
CA ARG A 336 -1.25 -13.49 -2.43
C ARG A 336 -2.23 -12.57 -3.14
N GLU A 337 -2.36 -11.35 -2.63
CA GLU A 337 -3.16 -10.31 -3.26
C GLU A 337 -2.66 -10.02 -4.68
N ASN A 338 -1.35 -9.89 -4.84
CA ASN A 338 -0.77 -9.59 -6.14
C ASN A 338 -0.94 -10.73 -7.15
N LEU A 339 -0.87 -11.97 -6.67
CA LEU A 339 -1.11 -13.15 -7.50
C LEU A 339 -2.54 -13.15 -8.01
N PHE A 340 -3.46 -12.87 -7.09
CA PHE A 340 -4.89 -12.75 -7.37
C PHE A 340 -5.17 -11.70 -8.45
N SER A 341 -4.66 -10.49 -8.25
CA SER A 341 -4.89 -9.39 -9.17
C SER A 341 -4.33 -9.65 -10.57
N GLU A 342 -3.12 -10.18 -10.63
CA GLU A 342 -2.51 -10.52 -11.92
C GLU A 342 -3.38 -11.52 -12.66
N GLU A 343 -3.89 -12.51 -11.93
CA GLU A 343 -4.74 -13.54 -12.52
C GLU A 343 -6.08 -12.97 -12.95
N MET A 344 -6.64 -12.05 -12.15
CA MET A 344 -7.96 -11.50 -12.42
C MET A 344 -7.95 -10.47 -13.57
N THR A 345 -6.91 -9.66 -13.63
CA THR A 345 -6.85 -8.60 -14.64
C THR A 345 -6.34 -9.12 -15.98
N LYS A 346 -5.45 -10.10 -15.92
CA LYS A 346 -4.83 -10.68 -17.13
C LYS A 346 -4.18 -9.59 -18.00
N THR A 347 -3.58 -8.61 -17.35
CA THR A 347 -2.84 -7.56 -18.03
C THR A 347 -1.44 -7.45 -17.43
N VAL A 348 -0.44 -7.25 -18.29
CA VAL A 348 0.95 -7.18 -17.82
C VAL A 348 1.25 -5.92 -17.00
N THR A 349 0.40 -4.90 -17.13
CA THR A 349 0.64 -3.65 -16.41
C THR A 349 0.34 -3.78 -14.92
N THR A 350 -0.34 -4.85 -14.54
CA THR A 350 -0.63 -5.11 -13.14
C THR A 350 0.68 -5.35 -12.36
N ARG A 351 1.49 -6.27 -12.86
CA ARG A 351 2.80 -6.53 -12.26
C ARG A 351 3.69 -5.29 -12.38
N LEU A 352 3.64 -4.64 -13.54
CA LEU A 352 4.46 -3.45 -13.78
C LEU A 352 4.14 -2.34 -12.78
N SER A 353 2.85 -2.16 -12.46
CA SER A 353 2.45 -1.10 -11.54
C SER A 353 3.00 -1.35 -10.14
N HIS A 354 3.07 -2.62 -9.72
CA HIS A 354 3.61 -2.97 -8.41
CA HIS A 354 3.60 -2.93 -8.40
C HIS A 354 5.12 -2.69 -8.36
N VAL A 355 5.80 -3.03 -9.45
CA VAL A 355 7.23 -2.78 -9.56
C VAL A 355 7.46 -1.26 -9.60
N ASP A 356 6.57 -0.57 -10.30
CA ASP A 356 6.63 0.89 -10.40
C ASP A 356 6.55 1.53 -9.02
N LEU A 357 5.66 1.00 -8.18
CA LEU A 357 5.45 1.54 -6.85
C LEU A 357 6.62 1.23 -5.91
N LEU A 358 7.17 0.02 -6.05
CA LEU A 358 8.29 -0.38 -5.22
C LEU A 358 9.53 0.47 -5.49
N ARG A 359 9.90 0.60 -6.76
CA ARG A 359 11.13 1.26 -7.14
C ARG A 359 11.06 2.78 -6.98
N SER A 360 9.86 3.30 -6.79
CA SER A 360 9.70 4.73 -6.51
C SER A 360 9.58 4.96 -5.01
N VAL A 361 8.47 4.54 -4.44
CA VAL A 361 8.16 4.82 -3.04
C VAL A 361 9.02 4.04 -2.04
N GLN A 362 9.13 2.72 -2.20
CA GLN A 362 9.86 1.92 -1.23
C GLN A 362 11.37 2.11 -1.32
N PHE A 363 11.90 2.24 -2.53
CA PHE A 363 13.33 2.45 -2.71
C PHE A 363 13.77 3.77 -2.08
N LEU A 364 12.91 4.78 -2.18
CA LEU A 364 13.14 6.08 -1.54
C LEU A 364 13.25 5.89 -0.05
N GLU A 365 12.28 5.19 0.53
CA GLU A 365 12.26 4.92 1.96
C GLU A 365 13.53 4.17 2.38
N ASP A 366 13.97 3.23 1.56
CA ASP A 366 15.07 2.36 1.92
C ASP A 366 16.44 3.04 1.84
N SER A 367 16.52 4.19 1.20
CA SER A 367 17.77 4.95 1.18
C SER A 367 17.64 6.24 1.99
N SER A 368 16.51 6.39 2.67
CA SER A 368 16.25 7.55 3.52
C SER A 368 16.69 7.25 4.96
N PRO A 369 16.72 8.27 5.84
CA PRO A 369 17.07 7.98 7.24
C PRO A 369 16.05 7.09 7.95
N LEU A 370 14.89 6.88 7.33
CA LEU A 370 13.84 6.03 7.89
C LEU A 370 14.04 4.55 7.53
N SER A 371 15.09 4.27 6.76
CA SER A 371 15.38 2.92 6.28
C SER A 371 15.38 1.87 7.40
N HIS A 372 14.75 0.74 7.13
CA HIS A 372 14.64 -0.35 8.08
C HIS A 372 14.43 -1.68 7.36
N PRO A 373 14.80 -2.80 7.99
CA PRO A 373 14.54 -4.12 7.41
C PRO A 373 13.05 -4.44 7.45
N ILE A 374 12.59 -5.42 6.69
CA ILE A 374 11.17 -5.77 6.70
C ILE A 374 10.78 -6.37 8.07
N ARG A 375 11.79 -6.83 8.81
CA ARG A 375 11.61 -7.18 10.21
C ARG A 375 12.54 -6.32 11.08
N PRO A 376 12.05 -5.19 11.57
CA PRO A 376 12.84 -4.25 12.37
C PRO A 376 13.25 -4.82 13.72
N GLU A 377 14.28 -4.24 14.33
CA GLU A 377 14.77 -4.70 15.62
C GLU A 377 14.11 -3.95 16.78
N SER A 378 13.53 -2.80 16.49
CA SER A 378 12.89 -2.00 17.53
C SER A 378 11.84 -1.04 16.98
N TYR A 379 10.95 -0.60 17.86
CA TYR A 379 10.01 0.47 17.52
C TYR A 379 9.61 1.27 18.77
N VAL A 380 9.12 2.48 18.54
CA VAL A 380 8.56 3.30 19.60
C VAL A 380 7.04 3.34 19.44
N SER A 381 6.58 3.65 18.25
CA SER A 381 5.15 3.65 17.94
C SER A 381 4.83 2.65 16.84
N MET A 382 3.92 1.73 17.14
CA MET A 382 3.50 0.70 16.20
C MET A 382 2.76 1.26 15.00
N GLU A 383 2.22 2.47 15.14
CA GLU A 383 1.46 3.07 14.04
C GLU A 383 2.38 3.55 12.93
N ASN A 384 3.68 3.60 13.21
CA ASN A 384 4.66 4.00 12.20
C ASN A 384 5.37 2.78 11.61
N PHE A 385 4.89 1.61 11.99
CA PHE A 385 5.47 0.33 11.64
C PHE A 385 4.95 -0.19 10.29
N TYR A 386 3.76 0.26 9.93
CA TYR A 386 3.08 -0.23 8.73
C TYR A 386 3.53 0.53 7.50
N THR A 387 4.68 0.12 6.96
CA THR A 387 5.36 0.86 5.91
C THR A 387 5.36 0.12 4.58
N THR A 388 5.75 0.83 3.52
CA THR A 388 5.88 0.21 2.21
C THR A 388 7.00 -0.83 2.21
N THR A 389 7.96 -0.67 3.12
CA THR A 389 9.02 -1.66 3.27
C THR A 389 8.45 -2.97 3.80
N VAL A 390 7.75 -2.90 4.93
CA VAL A 390 7.15 -4.09 5.55
C VAL A 390 6.15 -4.77 4.61
N TYR A 391 5.37 -3.96 3.90
CA TYR A 391 4.32 -4.49 3.02
C TYR A 391 4.83 -4.89 1.63
N ASP A 392 5.44 -3.95 0.92
CA ASP A 392 5.76 -4.16 -0.49
C ASP A 392 7.12 -4.85 -0.71
N LYS A 393 8.14 -4.46 0.03
CA LYS A 393 9.39 -5.22 -0.04
C LYS A 393 9.15 -6.60 0.58
N GLY A 394 8.31 -6.63 1.62
CA GLY A 394 7.91 -7.88 2.23
C GLY A 394 7.30 -8.84 1.22
N SER A 395 6.38 -8.33 0.40
CA SER A 395 5.72 -9.16 -0.60
C SER A 395 6.71 -9.67 -1.64
N GLU A 396 7.66 -8.82 -2.02
CA GLU A 396 8.70 -9.20 -2.97
C GLU A 396 9.59 -10.31 -2.39
N VAL A 397 9.84 -10.23 -1.09
CA VAL A 397 10.62 -11.27 -0.41
C VAL A 397 9.81 -12.57 -0.35
N MET A 398 8.50 -12.43 -0.14
CA MET A 398 7.61 -13.58 -0.16
C MET A 398 7.48 -14.15 -1.57
N ARG A 399 7.50 -13.26 -2.56
CA ARG A 399 7.40 -13.67 -3.96
C ARG A 399 8.64 -14.44 -4.42
N MET A 400 9.81 -14.05 -3.92
CA MET A 400 11.05 -14.70 -4.33
C MET A 400 11.09 -16.18 -3.95
N TYR A 401 10.36 -16.57 -2.90
CA TYR A 401 10.23 -17.97 -2.54
C TYR A 401 9.62 -18.76 -3.69
N LEU A 402 8.56 -18.20 -4.29
CA LEU A 402 7.89 -18.83 -5.42
C LEU A 402 8.79 -18.90 -6.66
N THR A 403 9.57 -17.85 -6.88
CA THR A 403 10.49 -17.79 -8.01
C THR A 403 11.55 -18.88 -7.90
N ILE A 404 12.12 -19.02 -6.71
CA ILE A 404 13.16 -20.03 -6.46
C ILE A 404 12.61 -21.45 -6.50
N LEU A 405 11.45 -21.66 -5.87
CA LEU A 405 10.90 -22.99 -5.69
C LEU A 405 10.04 -23.47 -6.85
N GLY A 406 9.44 -22.53 -7.57
CA GLY A 406 8.47 -22.88 -8.60
C GLY A 406 7.13 -23.21 -7.94
N GLU A 407 6.07 -23.26 -8.75
CA GLU A 407 4.71 -23.41 -8.24
C GLU A 407 4.49 -24.63 -7.36
N GLU A 408 4.89 -25.80 -7.86
CA GLU A 408 4.65 -27.06 -7.16
C GLU A 408 5.29 -27.09 -5.78
N TYR A 409 6.59 -26.77 -5.71
CA TYR A 409 7.31 -26.84 -4.46
C TYR A 409 7.00 -25.65 -3.54
N TYR A 410 6.50 -24.56 -4.10
CA TYR A 410 6.08 -23.43 -3.27
C TYR A 410 4.79 -23.76 -2.53
N LYS A 411 3.76 -24.15 -3.27
CA LYS A 411 2.48 -24.54 -2.69
C LYS A 411 2.67 -25.66 -1.67
N LYS A 412 3.78 -26.38 -1.80
CA LYS A 412 4.11 -27.47 -0.92
C LYS A 412 4.76 -26.99 0.37
N GLY A 413 5.66 -26.02 0.25
CA GLY A 413 6.30 -25.44 1.42
C GLY A 413 5.33 -24.57 2.21
N PHE A 414 4.30 -24.10 1.51
CA PHE A 414 3.25 -23.30 2.13
C PHE A 414 2.43 -24.18 3.07
N ASP A 415 2.12 -25.39 2.62
CA ASP A 415 1.35 -26.35 3.42
C ASP A 415 2.12 -26.78 4.66
N ILE A 416 3.43 -26.92 4.52
CA ILE A 416 4.29 -27.29 5.65
C ILE A 416 4.23 -26.22 6.73
N TYR A 417 4.21 -24.96 6.31
CA TYR A 417 4.14 -23.83 7.22
C TYR A 417 2.85 -23.85 8.05
N ILE A 418 1.73 -24.10 7.38
CA ILE A 418 0.44 -24.18 8.05
C ILE A 418 0.37 -25.31 9.07
N LYS A 419 0.76 -26.51 8.63
CA LYS A 419 0.69 -27.69 9.47
C LYS A 419 1.57 -27.62 10.71
N LYS A 420 2.79 -27.12 10.53
CA LYS A 420 3.79 -27.09 11.59
C LYS A 420 3.52 -26.00 12.63
N ASN A 421 2.72 -25.00 12.26
CA ASN A 421 2.48 -23.85 13.13
C ASN A 421 1.01 -23.65 13.46
N ASP A 422 0.19 -24.67 13.22
CA ASP A 422 -1.24 -24.56 13.42
C ASP A 422 -1.61 -24.28 14.88
N GLY A 423 -2.48 -23.30 15.08
CA GLY A 423 -3.04 -22.93 16.39
C GLY A 423 -2.01 -22.38 17.38
N ASN A 424 -0.87 -21.92 16.88
CA ASN A 424 0.12 -21.27 17.74
C ASN A 424 0.75 -20.06 17.06
N THR A 425 1.62 -19.36 17.79
CA THR A 425 2.26 -18.15 17.28
C THR A 425 3.54 -18.48 16.53
N ALA A 426 3.77 -17.80 15.41
CA ALA A 426 4.93 -18.09 14.58
C ALA A 426 5.82 -16.88 14.34
N THR A 427 6.97 -17.13 13.73
CA THR A 427 7.93 -16.09 13.37
C THR A 427 8.28 -16.21 11.90
N CYS A 428 9.03 -15.24 11.39
CA CYS A 428 9.47 -15.27 9.99
C CYS A 428 10.33 -16.50 9.71
N GLU A 429 11.11 -16.91 10.71
CA GLU A 429 12.02 -18.04 10.56
C GLU A 429 11.25 -19.36 10.44
N ASP A 430 10.07 -19.41 11.04
CA ASP A 430 9.18 -20.56 10.88
C ASP A 430 8.76 -20.70 9.43
N PHE A 431 8.50 -19.58 8.77
CA PHE A 431 8.12 -19.59 7.37
C PHE A 431 9.31 -19.97 6.50
N ASN A 432 10.47 -19.43 6.82
CA ASN A 432 11.69 -19.76 6.08
C ASN A 432 12.03 -21.23 6.23
N TYR A 433 11.84 -21.75 7.44
CA TYR A 433 12.09 -23.17 7.72
C TYR A 433 11.25 -24.07 6.84
N ALA A 434 9.97 -23.73 6.72
CA ALA A 434 9.04 -24.51 5.91
C ALA A 434 9.40 -24.48 4.43
N MET A 435 9.85 -23.31 3.96
CA MET A 435 10.28 -23.16 2.58
C MET A 435 11.61 -23.85 2.36
N GLU A 436 12.41 -23.93 3.42
CA GLU A 436 13.70 -24.63 3.37
C GLU A 436 13.48 -26.12 3.19
N GLN A 437 12.43 -26.66 3.79
CA GLN A 437 12.09 -28.07 3.66
C GLN A 437 11.70 -28.38 2.22
N ALA A 438 11.03 -27.43 1.57
CA ALA A 438 10.64 -27.57 0.17
C ALA A 438 11.85 -27.41 -0.75
N TYR A 439 12.80 -26.59 -0.31
CA TYR A 439 14.01 -26.33 -1.08
C TYR A 439 14.88 -27.58 -1.19
N LYS A 440 15.05 -28.27 -0.07
CA LYS A 440 15.80 -29.52 -0.03
C LYS A 440 15.22 -30.53 -1.01
N MET A 441 13.89 -30.62 -0.99
CA MET A 441 13.13 -31.58 -1.79
C MET A 441 13.16 -31.28 -3.27
N LYS A 442 13.31 -30.00 -3.59
CA LYS A 442 13.40 -29.56 -4.97
C LYS A 442 14.78 -29.90 -5.54
N LYS A 443 15.80 -29.59 -4.76
CA LYS A 443 17.18 -29.85 -5.18
C LYS A 443 17.54 -31.32 -5.05
N ALA A 444 16.65 -32.10 -4.46
CA ALA A 444 16.85 -33.53 -4.22
C ALA A 444 18.16 -33.79 -3.47
N ASP A 445 18.40 -32.99 -2.43
CA ASP A 445 19.56 -33.15 -1.57
C ASP A 445 19.24 -32.48 -0.23
N ASN A 446 19.29 -33.27 0.84
CA ASN A 446 18.77 -32.81 2.13
C ASN A 446 19.76 -31.97 2.93
N SER A 447 20.86 -31.58 2.27
CA SER A 447 21.86 -30.74 2.91
C SER A 447 21.63 -29.28 2.53
N ALA A 448 20.79 -29.07 1.53
CA ALA A 448 20.47 -27.72 1.07
C ALA A 448 19.78 -26.93 2.18
N ASN A 449 20.04 -25.63 2.23
CA ASN A 449 19.46 -24.78 3.27
C ASN A 449 19.17 -23.38 2.76
N LEU A 450 18.37 -22.64 3.53
CA LEU A 450 18.03 -21.26 3.18
C LEU A 450 18.40 -20.31 4.31
N ASN A 451 19.52 -20.59 4.97
CA ASN A 451 19.95 -19.77 6.11
C ASN A 451 20.37 -18.37 5.68
N GLN A 452 20.99 -18.26 4.51
CA GLN A 452 21.38 -16.96 3.98
C GLN A 452 20.16 -16.14 3.61
N TYR A 453 19.09 -16.81 3.22
CA TYR A 453 17.86 -16.14 2.79
C TYR A 453 17.28 -15.28 3.90
N LEU A 454 17.57 -15.64 5.15
CA LEU A 454 17.08 -14.91 6.30
C LEU A 454 17.57 -13.45 6.33
N LEU A 455 18.65 -13.17 5.62
CA LEU A 455 19.19 -11.82 5.53
C LEU A 455 18.18 -10.84 4.89
N TRP A 456 17.28 -11.38 4.08
CA TRP A 456 16.23 -10.56 3.47
C TRP A 456 15.32 -9.95 4.54
N PHE A 457 15.25 -10.61 5.70
CA PHE A 457 14.40 -10.13 6.78
C PHE A 457 15.14 -9.14 7.68
N SER A 458 16.45 -9.33 7.85
CA SER A 458 17.20 -8.57 8.85
C SER A 458 18.02 -7.41 8.29
N GLN A 459 18.32 -7.46 6.99
CA GLN A 459 19.19 -6.46 6.39
C GLN A 459 18.42 -5.40 5.62
N SER A 460 18.62 -4.14 6.02
CA SER A 460 17.96 -3.01 5.37
C SER A 460 18.72 -2.57 4.11
N GLY A 461 18.12 -1.66 3.36
CA GLY A 461 18.75 -1.12 2.16
C GLY A 461 18.48 -1.93 0.91
N THR A 462 18.59 -1.27 -0.24
CA THR A 462 18.36 -1.91 -1.53
C THR A 462 19.67 -2.39 -2.15
N PRO A 463 19.78 -3.69 -2.44
CA PRO A 463 20.98 -4.23 -3.08
C PRO A 463 21.16 -3.74 -4.51
N HIS A 464 22.41 -3.52 -4.91
CA HIS A 464 22.75 -3.16 -6.29
C HIS A 464 23.32 -4.36 -7.03
N VAL A 465 22.74 -4.70 -8.18
CA VAL A 465 23.25 -5.81 -8.96
C VAL A 465 23.73 -5.35 -10.34
N SER A 466 25.01 -5.54 -10.60
CA SER A 466 25.62 -5.10 -11.86
C SER A 466 26.15 -6.28 -12.67
N PHE A 467 26.32 -6.06 -13.98
CA PHE A 467 26.64 -7.13 -14.91
C PHE A 467 27.78 -6.79 -15.86
N LYS A 468 28.56 -7.80 -16.22
CA LYS A 468 29.51 -7.70 -17.33
C LYS A 468 29.39 -8.96 -18.17
N TYR A 469 29.72 -8.86 -19.46
CA TYR A 469 29.49 -9.97 -20.37
C TYR A 469 30.70 -10.32 -21.22
N ASN A 470 30.75 -11.56 -21.66
CA ASN A 470 31.77 -12.02 -22.59
C ASN A 470 31.21 -13.10 -23.52
N TYR A 471 31.51 -12.99 -24.79
CA TYR A 471 31.10 -14.00 -25.75
C TYR A 471 32.27 -14.46 -26.61
N ASP A 472 32.48 -15.77 -26.62
CA ASP A 472 33.51 -16.36 -27.46
C ASP A 472 32.85 -17.00 -28.68
N ALA A 473 32.94 -16.32 -29.81
CA ALA A 473 32.28 -16.74 -31.05
C ALA A 473 32.70 -18.14 -31.48
N GLU A 474 33.99 -18.44 -31.38
CA GLU A 474 34.50 -19.75 -31.79
C GLU A 474 34.04 -20.86 -30.84
N LYS A 475 33.99 -20.56 -29.55
CA LYS A 475 33.61 -21.55 -28.55
C LYS A 475 32.10 -21.68 -28.40
N LYS A 476 31.36 -20.72 -28.96
CA LYS A 476 29.91 -20.61 -28.77
C LYS A 476 29.59 -20.55 -27.29
N GLN A 477 30.44 -19.83 -26.55
CA GLN A 477 30.36 -19.79 -25.09
C GLN A 477 30.05 -18.38 -24.58
N TYR A 478 28.99 -18.28 -23.77
CA TYR A 478 28.54 -16.98 -23.27
C TYR A 478 28.64 -16.90 -21.75
N SER A 479 29.18 -15.79 -21.25
CA SER A 479 29.40 -15.60 -19.82
C SER A 479 28.70 -14.36 -19.28
N ILE A 480 28.04 -14.52 -18.14
CA ILE A 480 27.44 -13.41 -17.44
C ILE A 480 28.10 -13.25 -16.07
N HIS A 481 28.87 -12.18 -15.90
CA HIS A 481 29.51 -11.91 -14.62
CA HIS A 481 29.53 -11.90 -14.63
C HIS A 481 28.64 -11.00 -13.78
N VAL A 482 28.24 -11.49 -12.61
CA VAL A 482 27.32 -10.76 -11.75
C VAL A 482 27.98 -10.30 -10.46
N ASN A 483 27.67 -9.08 -10.05
CA ASN A 483 28.15 -8.54 -8.78
C ASN A 483 27.00 -7.94 -7.99
N GLN A 484 26.98 -8.18 -6.67
CA GLN A 484 25.97 -7.57 -5.82
C GLN A 484 26.62 -6.73 -4.73
N TYR A 485 25.93 -5.65 -4.37
CA TYR A 485 26.44 -4.69 -3.40
C TYR A 485 25.30 -3.97 -2.69
N THR A 486 25.40 -3.86 -1.37
CA THR A 486 24.42 -3.08 -0.61
C THR A 486 25.16 -2.03 0.22
N LYS A 487 24.74 -0.78 0.06
CA LYS A 487 25.36 0.35 0.72
C LYS A 487 25.14 0.30 2.24
N PRO A 488 26.22 0.41 3.03
CA PRO A 488 26.06 0.42 4.48
C PRO A 488 25.19 1.58 4.95
N ASP A 489 24.49 1.38 6.07
CA ASP A 489 23.64 2.40 6.65
C ASP A 489 23.66 2.31 8.17
N GLU A 490 22.66 2.90 8.83
CA GLU A 490 22.65 2.94 10.29
C GLU A 490 22.27 1.60 10.91
N ASN A 491 21.75 0.68 10.09
CA ASN A 491 21.29 -0.61 10.59
C ASN A 491 22.39 -1.68 10.55
N GLN A 492 23.24 -1.63 9.54
CA GLN A 492 24.40 -2.53 9.44
C GLN A 492 25.62 -1.82 8.89
N LYS A 493 26.74 -1.93 9.60
CA LYS A 493 28.00 -1.37 9.13
C LYS A 493 28.54 -2.21 7.96
N GLU A 494 28.47 -3.52 8.12
CA GLU A 494 28.91 -4.43 7.08
C GLU A 494 27.72 -5.21 6.51
N LYS A 495 27.43 -4.98 5.23
CA LYS A 495 26.34 -5.66 4.56
C LYS A 495 26.79 -7.00 3.99
N LYS A 496 26.00 -8.04 4.24
CA LYS A 496 26.31 -9.38 3.73
C LYS A 496 25.67 -9.62 2.38
N PRO A 497 26.27 -10.49 1.56
CA PRO A 497 25.65 -10.87 0.28
C PRO A 497 24.35 -11.62 0.50
N LEU A 498 23.34 -11.34 -0.31
CA LEU A 498 22.05 -11.99 -0.19
C LEU A 498 21.87 -13.11 -1.21
N PHE A 499 20.86 -13.95 -0.96
CA PHE A 499 20.44 -14.96 -1.92
C PHE A 499 19.56 -14.27 -2.96
N ILE A 500 20.12 -14.02 -4.14
CA ILE A 500 19.39 -13.29 -5.19
C ILE A 500 19.07 -14.16 -6.39
N PRO A 501 17.76 -14.44 -6.60
CA PRO A 501 17.32 -15.23 -7.76
C PRO A 501 17.20 -14.35 -9.01
N ILE A 502 17.93 -14.71 -10.06
CA ILE A 502 17.94 -13.90 -11.26
C ILE A 502 17.31 -14.65 -12.44
N SER A 503 16.04 -14.38 -12.69
CA SER A 503 15.34 -14.95 -13.83
CA SER A 503 15.34 -14.95 -13.82
C SER A 503 15.89 -14.35 -15.12
N VAL A 504 16.44 -15.20 -15.99
CA VAL A 504 17.06 -14.71 -17.22
C VAL A 504 16.64 -15.47 -18.47
N GLY A 505 16.81 -14.78 -19.60
CA GLY A 505 16.69 -15.40 -20.90
C GLY A 505 17.78 -14.80 -21.77
N LEU A 506 18.06 -15.45 -22.90
CA LEU A 506 19.01 -14.91 -23.85
C LEU A 506 18.31 -14.71 -25.19
N ILE A 507 18.29 -13.48 -25.68
CA ILE A 507 17.61 -13.16 -26.92
C ILE A 507 18.57 -13.13 -28.10
N ASN A 508 18.25 -13.90 -29.14
CA ASN A 508 18.95 -13.82 -30.42
C ASN A 508 18.60 -12.50 -31.09
N PRO A 509 19.59 -11.61 -31.24
CA PRO A 509 19.32 -10.25 -31.75
C PRO A 509 18.89 -10.19 -33.21
N GLU A 510 19.14 -11.23 -34.00
CA GLU A 510 18.83 -11.16 -35.42
C GLU A 510 17.48 -11.78 -35.78
N ASN A 511 16.79 -12.38 -34.82
CA ASN A 511 15.42 -12.85 -35.07
C ASN A 511 14.50 -12.74 -33.85
N GLY A 512 15.06 -12.33 -32.72
CA GLY A 512 14.28 -12.11 -31.51
C GLY A 512 13.85 -13.35 -30.75
N LYS A 513 14.40 -14.50 -31.10
CA LYS A 513 13.99 -15.76 -30.48
C LYS A 513 14.72 -16.03 -29.16
N GLU A 514 14.08 -16.79 -28.29
CA GLU A 514 14.72 -17.29 -27.06
C GLU A 514 15.80 -18.28 -27.45
N MET A 515 16.94 -18.22 -26.76
CA MET A 515 18.04 -19.12 -27.07
C MET A 515 18.17 -20.23 -26.02
N ILE A 516 17.75 -19.94 -24.80
CA ILE A 516 17.79 -20.95 -23.73
C ILE A 516 16.44 -21.10 -23.03
N SER A 517 16.27 -22.24 -22.36
CA SER A 517 15.05 -22.50 -21.62
C SER A 517 14.96 -21.61 -20.38
N GLN A 518 13.82 -21.69 -19.69
CA GLN A 518 13.58 -20.92 -18.47
C GLN A 518 14.70 -21.16 -17.46
N THR A 519 15.36 -20.09 -17.05
CA THR A 519 16.51 -20.21 -16.18
C THR A 519 16.50 -19.15 -15.08
N THR A 520 16.70 -19.59 -13.85
CA THR A 520 16.84 -18.68 -12.72
C THR A 520 18.22 -18.84 -12.11
N LEU A 521 19.06 -17.82 -12.30
CA LEU A 521 20.39 -17.82 -11.70
C LEU A 521 20.27 -17.60 -10.20
N GLU A 522 20.96 -18.42 -9.41
CA GLU A 522 20.96 -18.23 -7.98
C GLU A 522 22.29 -17.62 -7.53
N LEU A 523 22.28 -16.31 -7.34
CA LEU A 523 23.46 -15.59 -6.87
C LEU A 523 23.48 -15.60 -5.34
N THR A 524 24.54 -16.16 -4.77
CA THR A 524 24.63 -16.28 -3.32
C THR A 524 25.92 -15.68 -2.77
N LYS A 525 26.83 -15.30 -3.66
CA LYS A 525 28.08 -14.68 -3.27
C LYS A 525 28.08 -13.21 -3.64
N GLU A 526 29.15 -12.50 -3.28
CA GLU A 526 29.27 -11.10 -3.65
C GLU A 526 29.39 -10.96 -5.16
N SER A 527 29.94 -11.99 -5.79
CA SER A 527 30.05 -12.03 -7.25
C SER A 527 30.13 -13.46 -7.76
N ASP A 528 29.65 -13.69 -8.99
CA ASP A 528 29.76 -14.99 -9.61
C ASP A 528 29.79 -14.87 -11.13
N THR A 529 30.31 -15.89 -11.79
CA THR A 529 30.31 -15.95 -13.25
C THR A 529 29.47 -17.12 -13.73
N PHE A 530 28.42 -16.84 -14.49
CA PHE A 530 27.56 -17.87 -15.03
C PHE A 530 27.86 -18.09 -16.51
N VAL A 531 28.19 -19.33 -16.87
CA VAL A 531 28.62 -19.63 -18.23
C VAL A 531 27.60 -20.50 -18.96
N PHE A 532 27.36 -20.19 -20.24
CA PHE A 532 26.44 -20.95 -21.06
C PHE A 532 27.15 -21.44 -22.32
N ASN A 533 27.08 -22.75 -22.56
CA ASN A 533 27.66 -23.34 -23.76
C ASN A 533 26.63 -23.48 -24.87
N ASN A 534 27.10 -23.74 -26.08
CA ASN A 534 26.25 -23.91 -27.25
C ASN A 534 25.32 -22.73 -27.45
N ILE A 535 25.92 -21.54 -27.47
CA ILE A 535 25.21 -20.30 -27.76
C ILE A 535 25.69 -19.83 -29.13
N ALA A 536 24.87 -20.07 -30.14
CA ALA A 536 25.29 -19.99 -31.54
C ALA A 536 25.72 -18.59 -32.01
N VAL A 537 25.11 -17.57 -31.43
CA VAL A 537 25.44 -16.18 -31.76
C VAL A 537 25.45 -15.35 -30.49
N LYS A 538 26.02 -14.15 -30.56
CA LYS A 538 26.08 -13.28 -29.38
C LYS A 538 24.68 -12.84 -29.00
N PRO A 539 24.25 -13.20 -27.79
CA PRO A 539 22.88 -12.89 -27.35
C PRO A 539 22.76 -11.52 -26.70
N ILE A 540 21.52 -11.09 -26.52
CA ILE A 540 21.23 -9.95 -25.68
C ILE A 540 20.55 -10.47 -24.42
N PRO A 541 21.17 -10.23 -23.26
CA PRO A 541 20.67 -10.78 -22.00
C PRO A 541 19.38 -10.11 -21.54
N SER A 542 18.38 -10.94 -21.24
CA SER A 542 17.12 -10.47 -20.66
C SER A 542 17.13 -10.80 -19.17
N LEU A 543 17.43 -9.79 -18.35
CA LEU A 543 17.77 -10.03 -16.95
C LEU A 543 16.69 -9.60 -15.95
N PHE A 544 16.57 -10.39 -14.88
CA PHE A 544 15.56 -10.19 -13.84
C PHE A 544 14.15 -10.14 -14.43
N ARG A 545 13.84 -11.13 -15.26
CA ARG A 545 12.52 -11.24 -15.87
C ARG A 545 11.42 -11.26 -14.80
N GLY A 546 10.39 -10.45 -15.01
CA GLY A 546 9.32 -10.29 -14.05
C GLY A 546 9.75 -9.53 -12.80
N PHE A 547 10.93 -8.90 -12.87
CA PHE A 547 11.56 -8.26 -11.72
C PHE A 547 11.68 -9.26 -10.58
N SER A 548 12.63 -10.19 -10.71
CA SER A 548 12.68 -11.37 -9.86
C SER A 548 13.40 -11.16 -8.52
N ALA A 549 13.90 -9.95 -8.30
CA ALA A 549 14.47 -9.58 -7.00
C ALA A 549 14.33 -8.08 -6.78
N PRO A 550 14.06 -7.66 -5.54
CA PRO A 550 13.89 -6.22 -5.25
C PRO A 550 15.24 -5.52 -5.15
N VAL A 551 15.83 -5.20 -6.30
CA VAL A 551 17.17 -4.65 -6.37
C VAL A 551 17.28 -3.53 -7.40
N TYR A 552 18.34 -2.73 -7.28
CA TYR A 552 18.75 -1.84 -8.35
C TYR A 552 19.44 -2.65 -9.43
N ILE A 553 18.92 -2.60 -10.65
CA ILE A 553 19.51 -3.35 -11.75
C ILE A 553 20.41 -2.48 -12.62
N GLU A 554 21.67 -2.87 -12.75
CA GLU A 554 22.60 -2.18 -13.64
C GLU A 554 22.98 -3.10 -14.77
N ASP A 555 22.23 -3.06 -15.87
CA ASP A 555 22.36 -4.05 -16.93
C ASP A 555 23.61 -3.85 -17.80
N GLN A 556 24.17 -2.65 -17.77
CA GLN A 556 25.38 -2.32 -18.53
C GLN A 556 25.22 -2.60 -20.03
N LEU A 557 24.00 -2.45 -20.52
CA LEU A 557 23.72 -2.63 -21.94
C LEU A 557 23.78 -1.29 -22.67
N THR A 558 24.06 -1.34 -23.97
CA THR A 558 23.98 -0.15 -24.80
C THR A 558 22.52 0.16 -25.06
N ASP A 559 22.22 1.36 -25.51
CA ASP A 559 20.84 1.72 -25.80
C ASP A 559 20.32 0.92 -26.98
N GLU A 560 21.21 0.60 -27.91
CA GLU A 560 20.86 -0.22 -29.06
C GLU A 560 20.40 -1.61 -28.61
N GLU A 561 21.13 -2.19 -27.66
CA GLU A 561 20.75 -3.47 -27.10
C GLU A 561 19.42 -3.36 -26.34
N ARG A 562 19.25 -2.26 -25.62
CA ARG A 562 18.03 -2.02 -24.85
C ARG A 562 16.82 -1.83 -25.74
N ILE A 563 17.03 -1.18 -26.89
CA ILE A 563 15.95 -0.96 -27.84
C ILE A 563 15.48 -2.30 -28.40
N LEU A 564 16.41 -3.19 -28.71
CA LEU A 564 16.03 -4.47 -29.28
C LEU A 564 15.27 -5.31 -28.23
N LEU A 565 15.65 -5.21 -26.96
CA LEU A 565 14.85 -5.84 -25.91
C LEU A 565 13.46 -5.23 -25.86
N LEU A 566 13.40 -3.90 -25.88
CA LEU A 566 12.14 -3.16 -25.86
C LEU A 566 11.21 -3.61 -26.99
N LYS A 567 11.79 -3.89 -28.15
CA LYS A 567 11.01 -4.29 -29.31
C LYS A 567 10.69 -5.79 -29.31
N TYR A 568 11.64 -6.63 -28.95
CA TYR A 568 11.50 -8.07 -29.23
C TYR A 568 11.55 -9.04 -28.05
N ASP A 569 11.82 -8.55 -26.85
CA ASP A 569 11.87 -9.45 -25.68
C ASP A 569 10.48 -9.99 -25.35
N SER A 570 10.44 -11.17 -24.72
CA SER A 570 9.18 -11.81 -24.38
C SER A 570 8.65 -11.40 -23.01
N ASP A 571 9.51 -10.79 -22.20
CA ASP A 571 9.14 -10.44 -20.84
C ASP A 571 8.80 -8.96 -20.69
N ALA A 572 7.58 -8.69 -20.22
CA ALA A 572 7.06 -7.34 -20.09
C ALA A 572 7.95 -6.44 -19.22
N PHE A 573 8.38 -6.92 -18.07
CA PHE A 573 9.20 -6.08 -17.19
C PHE A 573 10.53 -5.68 -17.82
N VAL A 574 11.20 -6.63 -18.47
CA VAL A 574 12.52 -6.33 -19.04
C VAL A 574 12.38 -5.32 -20.18
N ARG A 575 11.30 -5.42 -20.94
CA ARG A 575 11.00 -4.43 -21.98
C ARG A 575 10.81 -3.06 -21.34
N TYR A 576 10.00 -3.04 -20.29
CA TYR A 576 9.68 -1.83 -19.53
C TYR A 576 10.93 -1.27 -18.85
N ASN A 577 11.75 -2.15 -18.28
CA ASN A 577 12.98 -1.72 -17.62
C ASN A 577 14.02 -1.21 -18.61
N SER A 578 14.04 -1.81 -19.80
CA SER A 578 14.96 -1.37 -20.85
C SER A 578 14.61 0.05 -21.27
N CYS A 579 13.31 0.30 -21.46
CA CYS A 579 12.81 1.64 -21.73
C CYS A 579 13.18 2.59 -20.58
N THR A 580 12.94 2.14 -19.35
CA THR A 580 13.28 2.92 -18.16
C THR A 580 14.76 3.31 -18.14
N ASN A 581 15.62 2.35 -18.45
CA ASN A 581 17.06 2.59 -18.46
C ASN A 581 17.50 3.57 -19.54
N ILE A 582 16.88 3.48 -20.72
CA ILE A 582 17.16 4.41 -21.80
C ILE A 582 16.80 5.84 -21.36
N TYR A 583 15.62 5.99 -20.77
CA TYR A 583 15.18 7.27 -20.23
C TYR A 583 16.14 7.80 -19.16
N MET A 584 16.50 6.94 -18.20
CA MET A 584 17.37 7.37 -17.10
C MET A 584 18.72 7.88 -17.59
N LYS A 585 19.32 7.18 -18.54
CA LYS A 585 20.58 7.61 -19.13
C LYS A 585 20.44 8.99 -19.76
N GLN A 586 19.33 9.21 -20.45
CA GLN A 586 19.05 10.49 -21.09
C GLN A 586 18.82 11.59 -20.04
N ILE A 587 18.06 11.25 -19.00
CA ILE A 587 17.73 12.18 -17.93
C ILE A 587 18.98 12.66 -17.19
N LEU A 588 19.83 11.73 -16.80
CA LEU A 588 21.07 12.07 -16.09
C LEU A 588 22.00 12.94 -16.95
N MET A 589 22.07 12.64 -18.24
CA MET A 589 22.90 13.39 -19.17
CA MET A 589 22.92 13.40 -19.14
C MET A 589 22.41 14.83 -19.31
N ASN A 590 21.12 14.97 -19.63
CA ASN A 590 20.55 16.30 -19.80
C ASN A 590 20.52 17.08 -18.48
N TYR A 591 20.28 16.38 -17.37
CA TYR A 591 20.30 17.01 -16.05
C TYR A 591 21.61 17.71 -15.79
N ASN A 592 22.71 16.98 -15.99
CA ASN A 592 24.04 17.51 -15.73
CA ASN A 592 24.03 17.52 -15.72
C ASN A 592 24.39 18.65 -16.68
N GLU A 593 23.86 18.57 -17.91
CA GLU A 593 24.08 19.63 -18.88
C GLU A 593 23.37 20.91 -18.45
N PHE A 594 22.11 20.79 -18.06
CA PHE A 594 21.34 21.92 -17.53
C PHE A 594 21.96 22.46 -16.24
N LEU A 595 22.47 21.57 -15.40
CA LEU A 595 23.06 21.95 -14.12
C LEU A 595 24.34 22.77 -14.32
N LYS A 596 25.19 22.31 -15.22
CA LYS A 596 26.43 23.02 -15.57
C LYS A 596 26.14 24.41 -16.12
N ALA A 597 25.10 24.51 -16.94
CA ALA A 597 24.72 25.79 -17.52
C ALA A 597 24.32 26.77 -16.42
N LYS A 598 23.53 26.28 -15.48
CA LYS A 598 23.05 27.08 -14.36
C LYS A 598 24.19 27.49 -13.43
N ASN A 599 25.04 26.54 -13.07
CA ASN A 599 26.17 26.82 -12.19
C ASN A 599 27.17 27.79 -12.79
N GLU A 600 27.50 27.58 -14.07
CA GLU A 600 28.49 28.42 -14.73
C GLU A 600 27.89 29.68 -15.35
N LYS A 601 26.58 29.88 -15.17
CA LYS A 601 25.89 31.04 -15.71
C LYS A 601 26.09 31.17 -17.22
N LEU A 602 26.06 30.04 -17.92
CA LEU A 602 26.37 30.01 -19.35
C LEU A 602 25.37 30.80 -20.19
N GLU A 603 25.88 31.60 -21.11
CA GLU A 603 25.05 32.37 -22.03
C GLU A 603 24.54 31.47 -23.13
N SER A 604 25.29 30.41 -23.42
CA SER A 604 24.88 29.42 -24.41
C SER A 604 25.53 28.08 -24.08
N PHE A 605 24.84 27.00 -24.45
CA PHE A 605 25.31 25.65 -24.19
C PHE A 605 24.56 24.66 -25.07
N GLN A 606 25.00 23.40 -25.03
CA GLN A 606 24.38 22.36 -25.83
C GLN A 606 23.71 21.27 -24.99
N LEU A 607 22.62 20.73 -25.53
CA LEU A 607 21.94 19.59 -24.91
C LEU A 607 22.04 18.38 -25.82
N THR A 608 22.23 17.20 -25.21
CA THR A 608 22.24 15.96 -25.97
C THR A 608 20.81 15.56 -26.34
N PRO A 609 20.52 15.47 -27.65
CA PRO A 609 19.20 15.08 -28.11
C PRO A 609 18.84 13.65 -27.70
N VAL A 610 17.54 13.39 -27.58
CA VAL A 610 17.06 12.04 -27.32
C VAL A 610 17.42 11.12 -28.48
N ASN A 611 17.84 9.89 -28.16
CA ASN A 611 18.19 8.88 -29.16
C ASN A 611 17.09 8.71 -30.20
N ALA A 612 17.43 8.94 -31.47
CA ALA A 612 16.46 8.90 -32.55
C ALA A 612 15.93 7.49 -32.81
N GLN A 613 16.79 6.48 -32.61
CA GLN A 613 16.37 5.09 -32.79
C GLN A 613 15.39 4.69 -31.68
N PHE A 614 15.57 5.28 -30.50
CA PHE A 614 14.66 5.05 -29.38
C PHE A 614 13.27 5.60 -29.71
N ILE A 615 13.24 6.81 -30.24
CA ILE A 615 12.00 7.43 -30.67
C ILE A 615 11.35 6.60 -31.77
N ASP A 616 12.17 6.05 -32.67
CA ASP A 616 11.68 5.13 -33.70
C ASP A 616 11.06 3.88 -33.10
N ALA A 617 11.66 3.37 -32.03
CA ALA A 617 11.17 2.16 -31.37
C ALA A 617 9.82 2.40 -30.72
N ILE A 618 9.67 3.57 -30.10
CA ILE A 618 8.42 3.95 -29.47
C ILE A 618 7.30 4.04 -30.50
N LYS A 619 7.59 4.69 -31.62
CA LYS A 619 6.63 4.82 -32.72
C LYS A 619 6.23 3.45 -33.26
N TYR A 620 7.21 2.57 -33.40
CA TYR A 620 6.99 1.21 -33.85
C TYR A 620 6.00 0.46 -32.94
N LEU A 621 6.22 0.56 -31.63
CA LEU A 621 5.36 -0.12 -30.65
C LEU A 621 3.97 0.50 -30.58
N LEU A 622 3.90 1.82 -30.60
CA LEU A 622 2.63 2.53 -30.54
C LEU A 622 1.75 2.21 -31.76
N GLU A 623 2.38 2.04 -32.91
CA GLU A 623 1.64 1.80 -34.15
C GLU A 623 1.33 0.33 -34.39
N ASP A 624 1.82 -0.53 -33.50
CA ASP A 624 1.52 -1.95 -33.56
C ASP A 624 0.15 -2.22 -32.94
N PRO A 625 -0.84 -2.58 -33.77
CA PRO A 625 -2.21 -2.76 -33.27
C PRO A 625 -2.35 -4.02 -32.40
N HIS A 626 -1.36 -4.89 -32.44
CA HIS A 626 -1.39 -6.12 -31.66
C HIS A 626 -0.69 -5.94 -30.31
N ALA A 627 -0.16 -4.75 -30.06
CA ALA A 627 0.54 -4.49 -28.81
C ALA A 627 -0.42 -3.98 -27.73
N ASP A 628 0.00 -4.09 -26.48
CA ASP A 628 -0.88 -3.81 -25.33
C ASP A 628 -0.97 -2.32 -25.02
N ALA A 629 -2.20 -1.82 -24.91
CA ALA A 629 -2.46 -0.41 -24.66
C ALA A 629 -1.89 0.07 -23.33
N GLY A 630 -1.95 -0.79 -22.32
CA GLY A 630 -1.39 -0.46 -21.02
C GLY A 630 0.11 -0.28 -21.07
N PHE A 631 0.79 -1.21 -21.74
CA PHE A 631 2.24 -1.14 -21.89
C PHE A 631 2.63 0.14 -22.63
N LYS A 632 1.83 0.49 -23.64
CA LYS A 632 2.09 1.68 -24.45
C LYS A 632 2.09 2.97 -23.63
N SER A 633 1.22 3.05 -22.62
CA SER A 633 1.14 4.26 -21.82
C SER A 633 2.38 4.41 -20.94
N TYR A 634 2.99 3.27 -20.60
CA TYR A 634 4.22 3.28 -19.81
C TYR A 634 5.43 3.79 -20.58
N ILE A 635 5.52 3.46 -21.86
CA ILE A 635 6.73 3.80 -22.62
C ILE A 635 6.75 5.25 -23.10
N VAL A 636 5.59 5.91 -23.09
CA VAL A 636 5.55 7.32 -23.48
C VAL A 636 5.64 8.21 -22.24
N SER A 637 5.75 7.58 -21.08
CA SER A 637 5.89 8.30 -19.82
C SER A 637 7.30 8.16 -19.27
N LEU A 638 7.89 9.28 -18.86
CA LEU A 638 9.19 9.27 -18.19
C LEU A 638 9.07 8.61 -16.82
N PRO A 639 10.18 8.06 -16.30
CA PRO A 639 10.18 7.49 -14.95
C PRO A 639 9.72 8.48 -13.89
N GLN A 640 9.04 8.00 -12.86
CA GLN A 640 8.57 8.85 -11.77
C GLN A 640 9.70 9.64 -11.14
N ASP A 641 9.38 10.84 -10.67
CA ASP A 641 10.37 11.70 -10.03
C ASP A 641 11.04 11.01 -8.85
N ARG A 642 10.27 10.29 -8.06
CA ARG A 642 10.78 9.60 -6.87
C ARG A 642 11.68 8.41 -7.23
N TYR A 643 11.56 7.91 -8.46
CA TYR A 643 12.48 6.90 -8.95
C TYR A 643 13.78 7.55 -9.39
N ILE A 644 13.64 8.67 -10.10
CA ILE A 644 14.78 9.43 -10.60
C ILE A 644 15.71 9.90 -9.48
N ILE A 645 15.12 10.40 -8.39
CA ILE A 645 15.90 11.02 -7.31
C ILE A 645 16.87 10.05 -6.62
N ASN A 646 16.62 8.75 -6.75
CA ASN A 646 17.51 7.75 -6.18
C ASN A 646 18.84 7.68 -6.93
N PHE A 647 18.93 8.38 -8.05
CA PHE A 647 20.13 8.33 -8.89
C PHE A 647 20.86 9.68 -8.98
N VAL A 648 20.33 10.70 -8.33
CA VAL A 648 20.96 12.02 -8.36
C VAL A 648 21.22 12.57 -6.95
N SER A 649 22.44 13.03 -6.71
CA SER A 649 22.78 13.67 -5.44
C SER A 649 22.53 15.18 -5.53
N ASN A 650 22.09 15.76 -4.41
CA ASN A 650 21.80 17.19 -4.33
C ASN A 650 20.90 17.66 -5.47
N LEU A 651 19.79 16.93 -5.67
CA LEU A 651 18.91 17.18 -6.80
C LEU A 651 18.30 18.58 -6.77
N ASP A 652 18.60 19.36 -7.81
CA ASP A 652 17.91 20.62 -8.05
C ASP A 652 16.60 20.29 -8.75
N THR A 653 15.48 20.54 -8.09
CA THR A 653 14.18 20.15 -8.62
C THR A 653 13.80 20.97 -9.85
N ASP A 654 14.27 22.21 -9.91
CA ASP A 654 14.02 23.07 -11.08
C ASP A 654 14.75 22.53 -12.30
N VAL A 655 16.00 22.14 -12.10
CA VAL A 655 16.82 21.58 -13.17
C VAL A 655 16.24 20.27 -13.68
N LEU A 656 15.74 19.43 -12.77
CA LEU A 656 15.09 18.19 -13.16
C LEU A 656 13.83 18.48 -13.96
N ALA A 657 13.07 19.48 -13.51
CA ALA A 657 11.86 19.90 -14.21
C ALA A 657 12.19 20.35 -15.63
N ASP A 658 13.29 21.09 -15.78
CA ASP A 658 13.74 21.52 -17.10
C ASP A 658 14.19 20.33 -17.94
N THR A 659 14.79 19.34 -17.30
CA THR A 659 15.25 18.15 -17.97
C THR A 659 14.09 17.33 -18.53
N LYS A 660 13.07 17.10 -17.70
CA LYS A 660 11.87 16.38 -18.11
C LYS A 660 11.16 17.09 -19.25
N GLU A 661 11.05 18.41 -19.14
CA GLU A 661 10.39 19.24 -20.15
C GLU A 661 11.08 19.11 -21.51
N TYR A 662 12.41 19.19 -21.50
CA TYR A 662 13.19 19.09 -22.74
C TYR A 662 12.99 17.74 -23.41
N ILE A 663 13.05 16.68 -22.61
CA ILE A 663 12.94 15.32 -23.14
C ILE A 663 11.54 15.04 -23.70
N TYR A 664 10.50 15.45 -22.97
CA TYR A 664 9.13 15.30 -23.45
C TYR A 664 8.90 16.06 -24.77
N LYS A 665 9.46 17.27 -24.86
CA LYS A 665 9.32 18.09 -26.05
C LYS A 665 10.06 17.47 -27.24
N GLN A 666 11.24 16.92 -26.97
CA GLN A 666 12.03 16.24 -27.99
C GLN A 666 11.25 15.10 -28.65
N ILE A 667 10.61 14.29 -27.81
CA ILE A 667 9.83 13.15 -28.30
C ILE A 667 8.52 13.61 -28.94
N GLY A 668 7.91 14.64 -28.36
CA GLY A 668 6.69 15.20 -28.89
C GLY A 668 6.85 15.79 -30.28
N ASP A 669 7.95 16.52 -30.49
CA ASP A 669 8.22 17.14 -31.79
C ASP A 669 8.34 16.11 -32.91
N LYS A 670 8.50 14.84 -32.54
CA LYS A 670 8.56 13.76 -33.53
C LYS A 670 7.30 12.91 -33.58
N LEU A 671 6.68 12.66 -32.42
CA LEU A 671 5.58 11.69 -32.37
C LEU A 671 4.18 12.27 -32.15
N ASN A 672 4.06 13.60 -32.02
CA ASN A 672 2.76 14.20 -31.70
C ASN A 672 1.65 13.88 -32.70
N ASP A 673 2.01 13.76 -33.97
CA ASP A 673 1.03 13.37 -34.99
C ASP A 673 0.58 11.94 -34.77
N VAL A 674 1.50 11.07 -34.39
CA VAL A 674 1.18 9.69 -34.06
C VAL A 674 0.30 9.64 -32.81
N TYR A 675 0.64 10.46 -31.81
CA TYR A 675 -0.15 10.56 -30.59
C TYR A 675 -1.61 10.94 -30.88
N TYR A 676 -1.78 11.95 -31.72
CA TYR A 676 -3.12 12.44 -32.05
C TYR A 676 -3.92 11.40 -32.80
N LYS A 677 -3.29 10.76 -33.78
CA LYS A 677 -3.93 9.75 -34.59
C LYS A 677 -4.44 8.59 -33.73
N MET A 678 -3.64 8.19 -32.74
CA MET A 678 -4.00 7.11 -31.84
C MET A 678 -5.12 7.51 -30.90
N PHE A 679 -5.05 8.74 -30.37
CA PHE A 679 -6.07 9.25 -29.47
C PHE A 679 -7.44 9.18 -30.12
N LYS A 680 -7.49 9.47 -31.41
CA LYS A 680 -8.75 9.45 -32.16
C LYS A 680 -9.19 8.03 -32.48
N SER A 681 -8.25 7.17 -32.86
CA SER A 681 -8.59 5.82 -33.32
C SER A 681 -8.94 4.88 -32.16
N LEU A 682 -8.51 5.22 -30.95
CA LEU A 682 -8.80 4.41 -29.78
C LEU A 682 -10.17 4.71 -29.18
N GLU A 683 -10.73 5.86 -29.54
CA GLU A 683 -11.96 6.35 -28.92
CA GLU A 683 -11.97 6.36 -28.94
C GLU A 683 -13.09 5.33 -28.90
N ALA A 684 -13.36 4.69 -30.05
CA ALA A 684 -14.46 3.75 -30.17
C ALA A 684 -14.42 2.63 -29.12
N LYS A 685 -13.31 1.91 -29.08
CA LYS A 685 -13.19 0.77 -28.15
C LYS A 685 -13.01 1.21 -26.71
N ALA A 686 -12.23 2.28 -26.49
CA ALA A 686 -11.94 2.74 -25.15
C ALA A 686 -13.18 3.27 -24.42
N ASP A 687 -14.03 3.99 -25.15
CA ASP A 687 -15.19 4.63 -24.54
C ASP A 687 -16.50 3.90 -24.80
N ASP A 688 -16.40 2.63 -25.19
CA ASP A 688 -17.57 1.78 -25.44
C ASP A 688 -18.52 1.75 -24.24
N LEU A 689 -19.80 1.99 -24.50
CA LEU A 689 -20.80 2.14 -23.44
C LEU A 689 -21.70 0.92 -23.27
N THR A 690 -21.38 -0.16 -23.98
CA THR A 690 -22.21 -1.37 -23.99
C THR A 690 -22.55 -1.88 -22.58
N TYR A 691 -21.57 -1.86 -21.69
CA TYR A 691 -21.77 -2.41 -20.35
C TYR A 691 -21.69 -1.34 -19.26
N PHE A 692 -21.94 -0.10 -19.64
CA PHE A 692 -21.84 1.03 -18.71
C PHE A 692 -22.83 0.89 -17.54
N ASN A 693 -23.95 0.22 -17.77
CA ASN A 693 -24.94 0.03 -16.71
C ASN A 693 -24.92 -1.38 -16.12
N ASP A 694 -23.92 -2.17 -16.53
CA ASP A 694 -23.67 -3.45 -15.88
C ASP A 694 -22.50 -3.28 -14.90
N GLU A 695 -22.82 -3.27 -13.62
CA GLU A 695 -21.82 -2.99 -12.59
C GLU A 695 -20.91 -4.18 -12.31
N SER A 696 -21.23 -5.34 -12.85
CA SER A 696 -20.44 -6.55 -12.65
CA SER A 696 -20.43 -6.53 -12.64
C SER A 696 -19.51 -6.82 -13.82
N HIS A 697 -19.64 -6.02 -14.87
CA HIS A 697 -18.81 -6.18 -16.06
C HIS A 697 -17.64 -5.20 -16.05
N VAL A 698 -16.45 -5.71 -15.74
CA VAL A 698 -15.26 -4.88 -15.69
C VAL A 698 -14.23 -5.37 -16.70
N ASP A 699 -13.79 -4.46 -17.56
CA ASP A 699 -12.85 -4.78 -18.64
C ASP A 699 -11.56 -4.01 -18.45
N PHE A 700 -10.54 -4.70 -17.95
CA PHE A 700 -9.27 -4.05 -17.61
C PHE A 700 -8.49 -3.62 -18.84
N ASP A 701 -8.67 -4.33 -19.95
CA ASP A 701 -8.03 -3.95 -21.21
CA ASP A 701 -8.01 -3.93 -21.20
C ASP A 701 -8.61 -2.62 -21.71
N GLN A 702 -9.94 -2.50 -21.63
CA GLN A 702 -10.62 -1.28 -22.06
C GLN A 702 -10.18 -0.10 -21.20
N MET A 703 -10.06 -0.33 -19.90
CA MET A 703 -9.62 0.73 -18.98
C MET A 703 -8.19 1.15 -19.31
N ASN A 704 -7.37 0.20 -19.75
CA ASN A 704 -6.01 0.51 -20.17
C ASN A 704 -5.97 1.35 -21.45
N MET A 705 -6.96 1.16 -22.31
CA MET A 705 -7.08 1.97 -23.52
C MET A 705 -7.43 3.41 -23.17
N ARG A 706 -8.27 3.59 -22.16
CA ARG A 706 -8.61 4.92 -21.69
C ARG A 706 -7.40 5.57 -21.04
N THR A 707 -6.62 4.79 -20.31
CA THR A 707 -5.38 5.27 -19.70
C THR A 707 -4.43 5.80 -20.77
N LEU A 708 -4.29 5.03 -21.85
CA LEU A 708 -3.46 5.44 -22.97
C LEU A 708 -3.98 6.74 -23.59
N ARG A 709 -5.28 6.80 -23.83
CA ARG A 709 -5.90 8.00 -24.41
C ARG A 709 -5.70 9.23 -23.54
N ASN A 710 -5.88 9.08 -22.24
CA ASN A 710 -5.75 10.20 -21.33
C ASN A 710 -4.30 10.62 -21.16
N THR A 711 -3.39 9.64 -21.24
CA THR A 711 -1.96 9.92 -21.24
C THR A 711 -1.55 10.69 -22.49
N LEU A 712 -2.04 10.23 -23.64
CA LEU A 712 -1.74 10.89 -24.90
C LEU A 712 -2.33 12.30 -24.94
N LEU A 713 -3.55 12.45 -24.41
CA LEU A 713 -4.21 13.75 -24.37
C LEU A 713 -3.41 14.75 -23.55
N SER A 714 -2.84 14.27 -22.45
CA SER A 714 -2.00 15.10 -21.59
C SER A 714 -0.77 15.58 -22.33
N LEU A 715 -0.09 14.66 -23.01
CA LEU A 715 1.10 14.98 -23.81
C LEU A 715 0.76 15.99 -24.91
N LEU A 716 -0.40 15.80 -25.54
CA LEU A 716 -0.84 16.67 -26.63
C LEU A 716 -1.28 18.04 -26.14
N SER A 717 -1.83 18.09 -24.94
CA SER A 717 -2.29 19.35 -24.36
C SER A 717 -1.13 20.22 -23.92
N LYS A 718 -0.15 19.59 -23.27
CA LYS A 718 1.06 20.28 -22.83
C LYS A 718 1.77 20.91 -24.02
N ALA A 719 1.88 20.15 -25.10
CA ALA A 719 2.59 20.61 -26.30
C ALA A 719 1.78 21.60 -27.13
N GLN A 720 0.57 21.90 -26.67
CA GLN A 720 -0.32 22.83 -27.39
C GLN A 720 -0.54 22.41 -28.84
N TYR A 721 -0.80 21.13 -29.05
CA TYR A 721 -1.08 20.58 -30.38
C TYR A 721 -2.26 21.32 -30.99
N PRO A 722 -2.16 21.70 -32.28
CA PRO A 722 -3.18 22.50 -32.97
C PRO A 722 -4.62 22.03 -32.73
N ASN A 723 -5.44 22.92 -32.19
CA ASN A 723 -6.86 22.68 -31.97
C ASN A 723 -7.18 21.50 -31.04
N ILE A 724 -6.24 21.15 -30.15
CA ILE A 724 -6.47 20.04 -29.23
C ILE A 724 -7.53 20.40 -28.20
N LEU A 725 -7.76 21.69 -28.01
CA LEU A 725 -8.76 22.16 -27.05
C LEU A 725 -10.16 21.67 -27.41
N ASN A 726 -10.39 21.50 -28.71
CA ASN A 726 -11.64 20.90 -29.19
C ASN A 726 -11.82 19.49 -28.64
N GLU A 727 -10.77 18.69 -28.71
CA GLU A 727 -10.79 17.33 -28.19
C GLU A 727 -10.98 17.34 -26.67
N ILE A 728 -10.35 18.30 -26.00
CA ILE A 728 -10.47 18.44 -24.56
C ILE A 728 -11.91 18.73 -24.16
N ILE A 729 -12.54 19.65 -24.87
CA ILE A 729 -13.94 20.02 -24.60
C ILE A 729 -14.89 18.85 -24.82
N GLU A 730 -14.67 18.11 -25.89
CA GLU A 730 -15.51 16.95 -26.19
C GLU A 730 -15.26 15.83 -25.19
N HIS A 731 -14.06 15.80 -24.62
CA HIS A 731 -13.70 14.80 -23.62
C HIS A 731 -14.49 15.02 -22.34
N SER A 732 -14.76 16.29 -22.02
CA SER A 732 -15.46 16.64 -20.79
C SER A 732 -16.91 16.16 -20.81
N LYS A 733 -17.43 15.89 -22.00
CA LYS A 733 -18.81 15.45 -22.15
C LYS A 733 -18.94 13.92 -22.03
N SER A 734 -17.81 13.25 -21.90
CA SER A 734 -17.80 11.79 -21.74
C SER A 734 -18.43 11.37 -20.42
N PRO A 735 -19.20 10.28 -20.44
CA PRO A 735 -19.83 9.76 -19.21
C PRO A 735 -18.83 9.11 -18.24
N TYR A 736 -17.61 8.82 -18.70
CA TYR A 736 -16.61 8.21 -17.84
C TYR A 736 -15.85 9.27 -17.03
N PRO A 737 -15.94 9.20 -15.69
CA PRO A 737 -15.23 10.11 -14.79
C PRO A 737 -13.73 10.17 -15.05
N SER A 738 -13.11 9.04 -15.41
CA SER A 738 -11.70 9.04 -15.77
C SER A 738 -11.46 10.01 -16.93
N ASN A 739 -12.39 10.03 -17.88
CA ASN A 739 -12.29 10.94 -19.02
C ASN A 739 -12.54 12.40 -18.66
N TRP A 740 -13.69 12.71 -18.04
CA TRP A 740 -14.02 14.12 -17.84
C TRP A 740 -13.26 14.76 -16.68
N LEU A 741 -12.63 13.95 -15.83
CA LEU A 741 -11.70 14.51 -14.85
C LEU A 741 -10.35 14.76 -15.50
N THR A 742 -10.02 13.95 -16.50
CA THR A 742 -8.81 14.18 -17.29
C THR A 742 -8.93 15.49 -18.07
N SER A 743 -10.11 15.74 -18.61
CA SER A 743 -10.34 16.97 -19.36
C SER A 743 -10.05 18.18 -18.48
N LEU A 744 -10.41 18.08 -17.21
CA LEU A 744 -10.09 19.13 -16.24
C LEU A 744 -8.58 19.37 -16.13
N SER A 745 -7.82 18.31 -15.84
CA SER A 745 -6.40 18.47 -15.58
C SER A 745 -5.61 18.90 -16.81
N VAL A 746 -5.96 18.37 -17.99
CA VAL A 746 -5.24 18.76 -19.20
C VAL A 746 -5.63 20.15 -19.70
N SER A 747 -6.78 20.65 -19.24
CA SER A 747 -7.23 21.98 -19.64
C SER A 747 -6.50 23.08 -18.89
N ALA A 748 -5.61 22.67 -17.98
CA ALA A 748 -4.84 23.61 -17.16
C ALA A 748 -4.01 24.55 -18.04
N TYR A 749 -3.60 24.04 -19.19
CA TYR A 749 -2.76 24.81 -20.10
C TYR A 749 -3.60 25.70 -21.03
N PHE A 750 -4.86 25.91 -20.66
CA PHE A 750 -5.77 26.72 -21.48
C PHE A 750 -6.65 27.63 -20.62
N ASP A 751 -7.29 28.59 -21.29
CA ASP A 751 -8.15 29.57 -20.64
C ASP A 751 -9.46 28.96 -20.15
N LYS A 752 -9.78 27.77 -20.65
CA LYS A 752 -11.03 27.10 -20.33
C LYS A 752 -10.97 26.29 -19.04
N TYR A 753 -9.89 26.46 -18.28
CA TYR A 753 -9.67 25.65 -17.08
C TYR A 753 -10.73 25.87 -16.01
N PHE A 754 -10.94 27.12 -15.63
CA PHE A 754 -11.86 27.42 -14.55
C PHE A 754 -13.32 27.18 -14.94
N GLU A 755 -13.55 27.07 -16.25
CA GLU A 755 -14.87 26.73 -16.74
C GLU A 755 -15.15 25.24 -16.55
N LEU A 756 -14.14 24.41 -16.82
CA LEU A 756 -14.26 22.98 -16.61
C LEU A 756 -14.15 22.66 -15.12
N TYR A 757 -13.44 23.52 -14.39
CA TYR A 757 -13.38 23.47 -12.94
C TYR A 757 -14.79 23.48 -12.36
N ASP A 758 -15.56 24.50 -12.73
CA ASP A 758 -16.94 24.62 -12.28
C ASP A 758 -17.81 23.46 -12.76
N LYS A 759 -17.65 23.10 -14.04
CA LYS A 759 -18.44 22.02 -14.63
C LYS A 759 -18.21 20.69 -13.93
N THR A 760 -16.95 20.31 -13.76
CA THR A 760 -16.63 19.02 -13.15
C THR A 760 -16.97 19.02 -11.66
N TYR A 761 -16.97 20.20 -11.04
CA TYR A 761 -17.35 20.31 -9.64
C TYR A 761 -18.83 19.95 -9.45
N LYS A 762 -19.67 20.48 -10.31
CA LYS A 762 -21.11 20.21 -10.24
C LYS A 762 -21.39 18.74 -10.50
N LEU A 763 -20.56 18.12 -11.32
CA LEU A 763 -20.68 16.69 -11.60
C LEU A 763 -20.27 15.86 -10.38
N SER A 764 -19.40 16.42 -9.55
CA SER A 764 -18.76 15.65 -8.48
C SER A 764 -19.33 15.86 -7.08
N LYS A 765 -19.95 17.02 -6.86
CA LYS A 765 -20.25 17.48 -5.48
C LYS A 765 -21.27 16.64 -4.70
N ASP A 766 -22.11 15.89 -5.41
CA ASP A 766 -23.19 15.15 -4.73
C ASP A 766 -22.83 13.69 -4.47
N ASP A 767 -21.59 13.32 -4.78
CA ASP A 767 -21.07 12.00 -4.42
C ASP A 767 -19.77 12.21 -3.63
N GLU A 768 -19.75 11.70 -2.41
CA GLU A 768 -18.63 11.90 -1.48
C GLU A 768 -17.29 11.47 -2.06
N LEU A 769 -17.23 10.27 -2.63
CA LEU A 769 -15.99 9.74 -3.16
C LEU A 769 -15.58 10.42 -4.45
N LEU A 770 -16.55 10.75 -5.30
CA LEU A 770 -16.28 11.40 -6.57
C LEU A 770 -15.71 12.81 -6.35
N LEU A 771 -16.24 13.51 -5.35
CA LEU A 771 -15.76 14.84 -4.99
C LEU A 771 -14.29 14.77 -4.58
N GLN A 772 -13.93 13.71 -3.87
CA GLN A 772 -12.56 13.52 -3.43
C GLN A 772 -11.63 13.31 -4.63
N GLU A 773 -12.11 12.59 -5.64
CA GLU A 773 -11.35 12.44 -6.87
C GLU A 773 -11.23 13.78 -7.60
N TRP A 774 -12.28 14.60 -7.52
CA TRP A 774 -12.25 15.94 -8.10
C TRP A 774 -11.21 16.80 -7.41
N LEU A 775 -11.16 16.71 -6.08
CA LEU A 775 -10.17 17.44 -5.29
C LEU A 775 -8.76 17.04 -5.69
N LYS A 776 -8.53 15.74 -5.83
CA LYS A 776 -7.25 15.21 -6.28
C LYS A 776 -6.84 15.78 -7.64
N THR A 777 -7.81 15.82 -8.55
CA THR A 777 -7.57 16.29 -9.91
C THR A 777 -7.17 17.75 -9.90
N VAL A 778 -7.91 18.55 -9.15
CA VAL A 778 -7.59 19.96 -8.97
C VAL A 778 -6.21 20.13 -8.34
N SER A 779 -5.98 19.40 -7.25
CA SER A 779 -4.72 19.45 -6.51
C SER A 779 -3.50 19.18 -7.39
N ARG A 780 -3.65 18.25 -8.32
CA ARG A 780 -2.55 17.82 -9.19
C ARG A 780 -2.45 18.66 -10.49
N SER A 781 -3.41 19.57 -10.68
CA SER A 781 -3.45 20.37 -11.90
C SER A 781 -2.18 21.20 -12.09
N ASP A 782 -1.61 21.14 -13.29
CA ASP A 782 -0.38 21.87 -13.60
C ASP A 782 -0.69 23.35 -13.85
N ARG A 783 -0.95 24.08 -12.76
CA ARG A 783 -1.33 25.48 -12.83
C ARG A 783 -0.28 26.37 -12.17
N LYS A 784 -0.04 27.55 -12.74
CA LYS A 784 0.88 28.51 -12.15
C LYS A 784 0.25 29.16 -10.91
N ASP A 785 -1.08 29.21 -10.90
CA ASP A 785 -1.80 29.79 -9.77
C ASP A 785 -2.31 28.70 -8.83
N ILE A 786 -1.55 27.62 -8.70
CA ILE A 786 -1.97 26.46 -7.93
C ILE A 786 -2.12 26.78 -6.44
N TYR A 787 -1.34 27.75 -5.94
CA TYR A 787 -1.41 28.12 -4.53
C TYR A 787 -2.70 28.88 -4.20
N GLU A 788 -3.12 29.77 -5.09
CA GLU A 788 -4.38 30.47 -4.93
C GLU A 788 -5.54 29.49 -5.06
N ILE A 789 -5.38 28.53 -5.97
CA ILE A 789 -6.37 27.49 -6.20
C ILE A 789 -6.54 26.60 -4.95
N LEU A 790 -5.41 26.25 -4.32
CA LEU A 790 -5.44 25.48 -3.08
C LEU A 790 -6.20 26.23 -1.98
N LYS A 791 -5.93 27.52 -1.87
CA LYS A 791 -6.58 28.35 -0.87
C LYS A 791 -8.09 28.41 -1.13
N LYS A 792 -8.47 28.36 -2.40
CA LYS A 792 -9.87 28.33 -2.79
C LYS A 792 -10.52 27.03 -2.32
N LEU A 793 -9.84 25.91 -2.54
CA LEU A 793 -10.32 24.60 -2.08
C LEU A 793 -10.55 24.58 -0.58
N GLU A 794 -9.60 25.13 0.17
CA GLU A 794 -9.69 25.19 1.62
C GLU A 794 -10.91 25.97 2.09
N ASN A 795 -11.17 27.11 1.45
CA ASN A 795 -12.25 27.99 1.89
C ASN A 795 -13.63 27.58 1.41
N GLU A 796 -13.72 26.95 0.23
CA GLU A 796 -15.00 26.69 -0.40
C GLU A 796 -15.47 25.24 -0.33
N VAL A 797 -14.53 24.30 -0.21
CA VAL A 797 -14.89 22.88 -0.26
C VAL A 797 -14.42 22.09 0.96
N LEU A 798 -13.12 22.10 1.22
CA LEU A 798 -12.54 21.32 2.30
C LEU A 798 -12.95 21.83 3.67
N LYS A 799 -12.71 23.13 3.91
CA LYS A 799 -13.02 23.78 5.17
C LYS A 799 -12.34 23.09 6.37
N ASP A 800 -13.13 22.79 7.39
CA ASP A 800 -12.55 22.23 8.61
CA ASP A 800 -12.64 22.24 8.64
C ASP A 800 -12.80 20.73 8.72
N SER A 801 -13.01 20.08 7.57
CA SER A 801 -13.22 18.64 7.52
C SER A 801 -12.11 17.84 8.22
N LYS A 802 -12.51 16.81 8.96
CA LYS A 802 -11.56 15.93 9.63
C LYS A 802 -11.50 14.58 8.93
N ASN A 803 -12.22 14.47 7.82
CA ASN A 803 -12.19 13.28 6.97
C ASN A 803 -10.82 13.14 6.32
N PRO A 804 -10.11 12.04 6.64
CA PRO A 804 -8.76 11.81 6.09
C PRO A 804 -8.74 11.77 4.57
N ASN A 805 -9.75 11.17 3.95
CA ASN A 805 -9.86 11.16 2.49
C ASN A 805 -9.85 12.56 1.91
N ASP A 806 -10.62 13.46 2.53
CA ASP A 806 -10.71 14.85 2.11
C ASP A 806 -9.35 15.55 2.17
N ILE A 807 -8.69 15.43 3.32
CA ILE A 807 -7.43 16.12 3.57
C ILE A 807 -6.30 15.60 2.68
N ARG A 808 -6.22 14.28 2.54
CA ARG A 808 -5.22 13.66 1.68
C ARG A 808 -5.43 14.03 0.21
N ALA A 809 -6.69 14.17 -0.19
CA ALA A 809 -7.03 14.48 -1.58
C ALA A 809 -6.59 15.89 -1.97
N VAL A 810 -6.74 16.84 -1.05
CA VAL A 810 -6.41 18.22 -1.34
C VAL A 810 -4.90 18.46 -1.37
N TYR A 811 -4.15 17.83 -0.48
CA TYR A 811 -2.75 18.20 -0.31
C TYR A 811 -1.70 17.25 -0.91
N LEU A 812 -1.92 15.95 -0.84
CA LEU A 812 -0.89 15.01 -1.31
C LEU A 812 -0.56 15.12 -2.82
N PRO A 813 -1.57 15.18 -3.70
CA PRO A 813 -1.20 15.28 -5.13
C PRO A 813 -0.37 16.53 -5.44
N PHE A 814 -0.67 17.64 -4.77
CA PHE A 814 0.07 18.87 -4.92
C PHE A 814 1.56 18.71 -4.58
N THR A 815 1.85 17.88 -3.60
CA THR A 815 3.24 17.66 -3.17
C THR A 815 4.07 16.98 -4.27
N ASN A 816 3.39 16.43 -5.27
CA ASN A 816 4.08 15.81 -6.40
C ASN A 816 4.34 16.81 -7.53
N ASN A 817 3.87 18.04 -7.36
CA ASN A 817 4.15 19.10 -8.32
C ASN A 817 5.60 19.55 -8.17
N LEU A 818 6.47 18.97 -8.98
CA LEU A 818 7.91 19.16 -8.87
C LEU A 818 8.33 20.62 -8.90
N ARG A 819 7.73 21.40 -9.80
CA ARG A 819 8.14 22.78 -9.98
C ARG A 819 7.53 23.70 -8.91
N ARG A 820 6.30 23.41 -8.49
CA ARG A 820 5.57 24.31 -7.60
C ARG A 820 5.71 23.97 -6.11
N PHE A 821 5.51 22.71 -5.75
CA PHE A 821 5.65 22.32 -4.35
C PHE A 821 7.07 22.62 -3.85
N HIS A 822 8.04 22.42 -4.73
CA HIS A 822 9.44 22.68 -4.38
C HIS A 822 9.87 24.10 -4.72
N ASP A 823 8.93 25.03 -4.65
CA ASP A 823 9.22 26.45 -4.87
C ASP A 823 10.34 26.90 -3.93
N ILE A 824 11.30 27.64 -4.48
CA ILE A 824 12.54 27.95 -3.80
C ILE A 824 12.35 28.82 -2.55
N SER A 825 11.19 29.48 -2.45
CA SER A 825 10.87 30.29 -1.28
C SER A 825 10.54 29.43 -0.06
N GLY A 826 10.20 28.17 -0.30
CA GLY A 826 9.84 27.26 0.77
C GLY A 826 8.37 27.28 1.11
N LYS A 827 7.59 28.04 0.34
CA LYS A 827 6.16 28.23 0.61
C LYS A 827 5.38 26.91 0.59
N GLY A 828 5.83 25.96 -0.21
CA GLY A 828 5.19 24.66 -0.30
C GLY A 828 5.45 23.82 0.94
N TYR A 829 6.69 23.86 1.41
CA TYR A 829 7.08 23.13 2.61
C TYR A 829 6.36 23.71 3.82
N LYS A 830 6.26 25.04 3.85
CA LYS A 830 5.59 25.74 4.94
C LYS A 830 4.11 25.38 4.98
N LEU A 831 3.49 25.32 3.80
CA LEU A 831 2.07 25.00 3.68
C LEU A 831 1.75 23.61 4.22
N ILE A 832 2.51 22.62 3.78
CA ILE A 832 2.25 21.24 4.19
C ILE A 832 2.57 21.03 5.66
N ALA A 833 3.60 21.71 6.16
CA ALA A 833 3.94 21.65 7.59
C ALA A 833 2.81 22.19 8.46
N GLU A 834 2.21 23.31 8.03
CA GLU A 834 1.06 23.88 8.72
C GLU A 834 -0.10 22.90 8.74
N VAL A 835 -0.29 22.20 7.63
CA VAL A 835 -1.35 21.21 7.50
C VAL A 835 -1.09 20.00 8.38
N ILE A 836 0.18 19.59 8.47
CA ILE A 836 0.56 18.46 9.31
C ILE A 836 0.33 18.77 10.79
N THR A 837 0.75 19.96 11.21
CA THR A 837 0.58 20.39 12.60
C THR A 837 -0.89 20.49 12.98
N LYS A 838 -1.69 21.09 12.09
CA LYS A 838 -3.12 21.21 12.31
C LYS A 838 -3.79 19.84 12.42
N THR A 839 -3.40 18.94 11.52
CA THR A 839 -3.95 17.60 11.48
C THR A 839 -3.54 16.78 12.70
N ASP A 840 -2.32 17.00 13.17
CA ASP A 840 -1.77 16.24 14.30
C ASP A 840 -2.58 16.44 15.58
N LYS A 841 -3.35 17.53 15.64
CA LYS A 841 -4.16 17.82 16.82
C LYS A 841 -5.29 16.81 17.01
N PHE A 842 -5.76 16.20 15.92
CA PHE A 842 -6.86 15.25 16.03
C PHE A 842 -6.59 13.88 15.40
N ASN A 843 -5.66 13.80 14.45
CA ASN A 843 -5.33 12.52 13.82
C ASN A 843 -3.85 12.37 13.53
N PRO A 844 -3.09 11.89 14.52
CA PRO A 844 -1.63 11.71 14.43
C PRO A 844 -1.18 10.80 13.29
N MET A 845 -1.99 9.79 12.96
CA MET A 845 -1.64 8.86 11.90
C MET A 845 -1.66 9.55 10.54
N VAL A 846 -2.71 10.32 10.29
CA VAL A 846 -2.84 11.03 9.02
C VAL A 846 -1.79 12.15 8.91
N ALA A 847 -1.45 12.75 10.05
CA ALA A 847 -0.40 13.76 10.10
C ALA A 847 0.94 13.20 9.64
N THR A 848 1.23 11.97 10.06
CA THR A 848 2.44 11.29 9.66
C THR A 848 2.40 10.94 8.17
N GLN A 849 1.22 10.57 7.69
CA GLN A 849 1.03 10.30 6.26
C GLN A 849 1.33 11.54 5.43
N LEU A 850 0.98 12.71 5.97
CA LEU A 850 1.17 13.97 5.27
C LEU A 850 2.64 14.42 5.29
N CYS A 851 3.48 13.70 6.02
CA CYS A 851 4.91 13.99 6.07
C CYS A 851 5.66 13.37 4.89
N GLU A 852 4.93 12.59 4.10
CA GLU A 852 5.48 11.88 2.93
C GLU A 852 6.47 12.67 2.06
N PRO A 853 6.13 13.92 1.67
CA PRO A 853 7.08 14.63 0.80
C PRO A 853 8.42 14.94 1.45
N PHE A 854 8.49 14.96 2.78
CA PHE A 854 9.73 15.28 3.47
C PHE A 854 10.72 14.11 3.50
N LYS A 855 10.26 12.92 3.10
CA LYS A 855 11.09 11.72 3.21
C LYS A 855 12.36 11.79 2.34
N LEU A 856 12.37 12.68 1.37
CA LEU A 856 13.54 12.83 0.49
C LEU A 856 14.35 14.08 0.80
N TRP A 857 14.13 14.66 1.97
CA TRP A 857 14.69 15.98 2.29
C TRP A 857 16.21 16.05 2.12
N ASN A 858 16.91 14.99 2.50
CA ASN A 858 18.37 15.02 2.45
C ASN A 858 18.93 14.64 1.08
N LYS A 859 18.05 14.48 0.09
CA LYS A 859 18.52 14.20 -1.26
C LYS A 859 18.43 15.39 -2.20
N LEU A 860 17.86 16.48 -1.72
CA LEU A 860 17.70 17.67 -2.53
C LEU A 860 18.92 18.58 -2.50
N ASP A 861 18.89 19.65 -3.29
CA ASP A 861 19.96 20.65 -3.28
C ASP A 861 20.04 21.30 -1.90
N THR A 862 21.20 21.87 -1.59
CA THR A 862 21.49 22.34 -0.24
C THR A 862 20.48 23.35 0.32
N LYS A 863 19.98 24.23 -0.54
CA LYS A 863 19.00 25.24 -0.14
C LYS A 863 17.67 24.61 0.25
N ARG A 864 17.20 23.68 -0.57
CA ARG A 864 15.94 23.01 -0.32
C ARG A 864 16.04 22.03 0.84
N GLN A 865 17.24 21.47 1.05
CA GLN A 865 17.50 20.67 2.24
C GLN A 865 17.25 21.51 3.48
N GLU A 866 17.83 22.72 3.49
CA GLU A 866 17.74 23.62 4.63
C GLU A 866 16.31 24.08 4.88
N LEU A 867 15.58 24.34 3.80
CA LEU A 867 14.20 24.78 3.91
C LEU A 867 13.32 23.71 4.56
N MET A 868 13.42 22.49 4.05
CA MET A 868 12.63 21.38 4.59
C MET A 868 13.00 21.09 6.05
N LEU A 869 14.29 21.04 6.33
CA LEU A 869 14.78 20.78 7.68
C LEU A 869 14.27 21.83 8.67
N ASN A 870 14.22 23.08 8.22
CA ASN A 870 13.67 24.16 9.03
CA ASN A 870 13.68 24.16 9.04
C ASN A 870 12.22 23.91 9.40
N GLU A 871 11.43 23.49 8.42
CA GLU A 871 10.02 23.23 8.64
C GLU A 871 9.81 22.04 9.57
N MET A 872 10.65 21.02 9.44
CA MET A 872 10.53 19.83 10.27
C MET A 872 10.93 20.15 11.72
N ASN A 873 11.97 20.94 11.89
CA ASN A 873 12.37 21.36 13.22
C ASN A 873 11.30 22.25 13.86
N THR A 874 10.63 23.06 13.04
CA THR A 874 9.53 23.88 13.52
C THR A 874 8.37 22.99 13.99
N MET A 875 8.06 21.95 13.22
CA MET A 875 7.03 20.99 13.60
C MET A 875 7.41 20.27 14.89
N LEU A 876 8.68 19.90 15.01
CA LEU A 876 9.17 19.18 16.18
C LEU A 876 9.05 19.99 17.47
N GLN A 877 8.93 21.31 17.34
CA GLN A 877 8.97 22.15 18.53
C GLN A 877 7.57 22.53 18.99
N GLU A 878 6.57 22.04 18.29
CA GLU A 878 5.19 22.15 18.74
C GLU A 878 5.03 21.44 20.08
N PRO A 879 4.60 22.17 21.11
CA PRO A 879 4.43 21.63 22.46
C PRO A 879 3.42 20.48 22.52
N GLN A 880 2.40 20.54 21.67
CA GLN A 880 1.32 19.56 21.71
C GLN A 880 1.52 18.44 20.69
N ILE A 881 2.74 18.28 20.19
CA ILE A 881 3.02 17.28 19.17
C ILE A 881 2.76 15.87 19.70
N SER A 882 2.19 15.03 18.84
CA SER A 882 1.88 13.65 19.21
C SER A 882 3.16 12.82 19.27
N ASN A 883 3.11 11.71 20.00
CA ASN A 883 4.23 10.80 20.07
C ASN A 883 4.52 10.23 18.69
N ASN A 884 3.45 9.96 17.95
CA ASN A 884 3.58 9.41 16.60
CA ASN A 884 3.54 9.43 16.59
C ASN A 884 4.39 10.30 15.67
N LEU A 885 3.99 11.56 15.54
CA LEU A 885 4.66 12.50 14.66
C LEU A 885 6.08 12.82 15.14
N LYS A 886 6.23 12.92 16.46
CA LYS A 886 7.53 13.23 17.08
C LYS A 886 8.61 12.22 16.73
N GLU A 887 8.29 10.95 16.94
CA GLU A 887 9.20 9.86 16.66
C GLU A 887 9.53 9.79 15.17
N TYR A 888 8.50 9.98 14.35
CA TYR A 888 8.67 9.93 12.91
C TYR A 888 9.64 11.01 12.43
N LEU A 889 9.46 12.23 12.93
CA LEU A 889 10.29 13.35 12.52
C LEU A 889 11.69 13.27 13.13
N LEU A 890 11.79 12.71 14.33
CA LEU A 890 13.08 12.52 14.97
C LEU A 890 13.95 11.55 14.19
N ARG A 891 13.34 10.48 13.69
CA ARG A 891 14.06 9.48 12.91
C ARG A 891 14.40 10.01 11.51
N LEU A 892 13.49 10.79 10.93
CA LEU A 892 13.68 11.31 9.58
C LEU A 892 14.77 12.38 9.53
N THR A 893 14.88 13.16 10.61
CA THR A 893 15.88 14.22 10.68
C THR A 893 17.18 13.76 11.32
N ASN A 894 17.29 12.45 11.57
CA ASN A 894 18.47 11.87 12.21
C ASN A 894 18.81 12.53 13.54
N LYS A 895 17.81 12.69 14.40
CA LYS A 895 18.01 13.32 15.70
C LYS A 895 17.52 12.41 16.83
#